data_2P9Q
#
_entry.id   2P9Q
#
_cell.length_a   52.044
_cell.length_b   80.850
_cell.length_c   92.900
_cell.angle_alpha   90.00
_cell.angle_beta   94.63
_cell.angle_gamma   90.00
#
_symmetry.space_group_name_H-M   'P 1 21 1'
#
loop_
_entity.id
_entity.type
_entity.pdbx_description
1 polymer 'Phosphoglycerate kinase, testis specific'
2 water water
#
_entity_poly.entity_id   1
_entity_poly.type   'polypeptide(L)'
_entity_poly.pdbx_seq_one_letter_code
;ALSAKLTLDKVDLKGKRVIMRVDFNVPMKNNQITNNQRIKAAIPSIKHCLDNGAKSVVLMSHLGRPDGIPMPDKYSLEPV
ADELKSLLNKDVIFLKDCVGPEVEQACANPDNGSIILLENLRFHVEEEGKGKDSSGKKISADPAKVEAFRASLSKLGDVY
VNDAFGTAHRAHSSMVGVNLPQKASGFLMKKELDYFSKALEKPERPFLAILGGAKVKDKIQLIKNMLDKVNFMIIGGGMA
YTFLKELKNMQIGASLFDEEGATIVKEIMEKAEKNGVKIVFPVDFVTGDKFDENAKVGQATIESGIPSGWMGLDCGPESI
KINAQIVAQAKLIVWNGPIGVFEWDAFAKGTKALMDEVVKATSNGCVTIIGGGDTATCCAKWGTEDKVSHVSTGGGASLE
LLEGKILPGVEALSNM
;
_entity_poly.pdbx_strand_id   A,B
#
# COMPACT_ATOMS: atom_id res chain seq x y z
N ALA A 1 -4.91 -8.12 37.52
CA ALA A 1 -3.65 -8.66 36.91
C ALA A 1 -3.94 -9.97 36.18
N LEU A 2 -3.05 -10.95 36.36
CA LEU A 2 -3.20 -12.26 35.74
C LEU A 2 -3.93 -13.24 36.67
N SER A 3 -3.59 -13.17 37.96
CA SER A 3 -4.19 -14.02 38.99
C SER A 3 -5.60 -13.54 39.40
N ALA A 4 -6.34 -12.97 38.46
CA ALA A 4 -7.65 -12.46 38.76
C ALA A 4 -8.79 -13.28 38.19
N LYS A 5 -8.61 -13.77 36.95
CA LYS A 5 -9.65 -14.53 36.30
C LYS A 5 -9.56 -16.04 36.49
N LEU A 6 -10.72 -16.64 36.74
CA LEU A 6 -10.87 -18.07 36.97
C LEU A 6 -10.42 -18.92 35.80
N THR A 7 -10.10 -20.18 36.07
CA THR A 7 -9.64 -21.07 35.01
C THR A 7 -10.24 -22.45 35.14
N LEU A 8 -10.19 -23.20 34.06
CA LEU A 8 -10.72 -24.56 34.03
C LEU A 8 -10.38 -25.42 35.24
N ASP A 9 -9.10 -25.64 35.45
CA ASP A 9 -8.63 -26.47 36.54
C ASP A 9 -9.13 -26.01 37.89
N LYS A 10 -9.49 -24.73 38.00
CA LYS A 10 -10.00 -24.21 39.27
C LYS A 10 -11.52 -24.32 39.39
N VAL A 11 -12.13 -25.11 38.51
CA VAL A 11 -13.57 -25.32 38.51
C VAL A 11 -13.96 -26.76 38.86
N ASP A 12 -15.08 -26.93 39.56
CA ASP A 12 -15.57 -28.27 39.89
C ASP A 12 -16.54 -28.63 38.76
N LEU A 13 -16.19 -29.64 37.99
CA LEU A 13 -17.01 -30.02 36.84
C LEU A 13 -17.95 -31.21 36.96
N LYS A 14 -17.93 -31.90 38.10
CA LYS A 14 -18.83 -33.03 38.32
C LYS A 14 -20.29 -32.71 37.94
N GLY A 15 -20.82 -33.47 36.99
CA GLY A 15 -22.22 -33.28 36.56
C GLY A 15 -22.62 -31.98 35.90
N LYS A 16 -21.67 -31.08 35.70
CA LYS A 16 -21.94 -29.79 35.07
C LYS A 16 -21.78 -29.85 33.55
N ARG A 17 -22.70 -29.20 32.82
CA ARG A 17 -22.61 -29.19 31.37
C ARG A 17 -21.84 -27.94 30.98
N VAL A 18 -20.69 -28.14 30.34
CA VAL A 18 -19.83 -27.05 29.93
C VAL A 18 -20.11 -26.55 28.52
N ILE A 19 -20.23 -25.24 28.38
CA ILE A 19 -20.41 -24.61 27.07
C ILE A 19 -19.06 -23.94 26.89
N MET A 20 -18.32 -24.37 25.87
CA MET A 20 -16.99 -23.84 25.66
C MET A 20 -16.85 -23.14 24.31
N ARG A 21 -16.24 -21.95 24.33
CA ARG A 21 -16.02 -21.21 23.10
C ARG A 21 -14.59 -21.50 22.70
N VAL A 22 -14.40 -22.16 21.56
CA VAL A 22 -13.06 -22.51 21.09
C VAL A 22 -12.67 -21.93 19.73
N ASP A 23 -11.45 -22.25 19.29
CA ASP A 23 -10.91 -21.76 18.02
C ASP A 23 -10.82 -22.86 16.98
N PHE A 24 -11.85 -23.01 16.15
CA PHE A 24 -11.83 -24.03 15.11
C PHE A 24 -11.75 -23.44 13.72
N ASN A 25 -11.46 -22.14 13.65
CA ASN A 25 -11.32 -21.39 12.39
C ASN A 25 -10.02 -21.86 11.71
N VAL A 26 -10.07 -23.09 11.20
CA VAL A 26 -8.96 -23.75 10.54
C VAL A 26 -8.99 -23.52 9.03
N PRO A 27 -7.84 -23.70 8.36
CA PRO A 27 -7.72 -23.53 6.92
C PRO A 27 -8.55 -24.58 6.18
N MET A 28 -9.51 -24.10 5.40
CA MET A 28 -10.38 -24.99 4.67
C MET A 28 -10.35 -24.68 3.19
N LYS A 29 -10.23 -25.73 2.39
CA LYS A 29 -10.27 -25.59 0.94
C LYS A 29 -11.24 -26.66 0.46
N ASN A 30 -12.43 -26.21 0.06
CA ASN A 30 -13.49 -27.07 -0.44
C ASN A 30 -13.94 -28.05 0.64
N ASN A 31 -14.46 -27.51 1.74
CA ASN A 31 -14.95 -28.30 2.88
C ASN A 31 -14.00 -29.38 3.33
N GLN A 32 -12.70 -29.16 3.13
CA GLN A 32 -11.68 -30.10 3.54
C GLN A 32 -10.71 -29.33 4.41
N ILE A 33 -10.40 -29.86 5.59
CA ILE A 33 -9.49 -29.22 6.50
C ILE A 33 -8.08 -29.37 5.96
N THR A 34 -7.40 -28.25 5.69
CA THR A 34 -6.03 -28.31 5.16
C THR A 34 -4.98 -28.24 6.26
N ASN A 35 -5.37 -27.81 7.46
CA ASN A 35 -4.49 -27.72 8.63
C ASN A 35 -5.33 -27.87 9.89
N ASN A 36 -5.22 -29.00 10.58
CA ASN A 36 -6.03 -29.26 11.76
C ASN A 36 -5.39 -28.97 13.11
N GLN A 37 -4.38 -28.10 13.15
CA GLN A 37 -3.72 -27.81 14.42
C GLN A 37 -4.61 -27.10 15.46
N ARG A 38 -5.31 -26.06 15.03
CA ARG A 38 -6.19 -25.33 15.94
C ARG A 38 -7.10 -26.28 16.69
N ILE A 39 -7.47 -27.39 16.05
CA ILE A 39 -8.35 -28.37 16.68
C ILE A 39 -7.57 -29.21 17.69
N LYS A 40 -6.40 -29.70 17.29
CA LYS A 40 -5.58 -30.49 18.20
C LYS A 40 -5.27 -29.68 19.46
N ALA A 41 -5.09 -28.38 19.28
CA ALA A 41 -4.77 -27.51 20.40
C ALA A 41 -5.83 -27.45 21.49
N ALA A 42 -7.09 -27.38 21.08
CA ALA A 42 -8.17 -27.29 22.05
C ALA A 42 -8.45 -28.57 22.81
N ILE A 43 -8.31 -29.70 22.14
CA ILE A 43 -8.59 -31.00 22.73
C ILE A 43 -8.28 -31.15 24.21
N PRO A 44 -7.10 -30.69 24.65
CA PRO A 44 -6.75 -30.82 26.07
C PRO A 44 -7.83 -30.26 27.00
N SER A 45 -8.32 -29.08 26.71
CA SER A 45 -9.36 -28.48 27.54
C SER A 45 -10.60 -29.36 27.48
N ILE A 46 -10.93 -29.85 26.30
CA ILE A 46 -12.11 -30.68 26.13
C ILE A 46 -11.97 -31.99 26.86
N LYS A 47 -10.75 -32.53 26.83
CA LYS A 47 -10.45 -33.80 27.48
C LYS A 47 -10.44 -33.63 28.98
N HIS A 48 -9.97 -32.50 29.47
CA HIS A 48 -9.95 -32.25 30.90
C HIS A 48 -11.37 -32.17 31.40
N CYS A 49 -12.25 -31.63 30.57
CA CYS A 49 -13.66 -31.51 30.92
C CYS A 49 -14.29 -32.87 31.10
N LEU A 50 -14.04 -33.78 30.16
CA LEU A 50 -14.59 -35.12 30.28
C LEU A 50 -13.87 -35.85 31.41
N ASP A 51 -12.54 -35.90 31.33
CA ASP A 51 -11.75 -36.58 32.34
C ASP A 51 -12.24 -36.26 33.75
N ASN A 52 -12.75 -35.05 33.95
CA ASN A 52 -13.20 -34.64 35.27
C ASN A 52 -14.70 -34.74 35.48
N GLY A 53 -15.33 -35.65 34.74
CA GLY A 53 -16.75 -35.87 34.89
C GLY A 53 -17.73 -34.84 34.41
N ALA A 54 -17.38 -34.07 33.39
CA ALA A 54 -18.32 -33.07 32.87
C ALA A 54 -19.54 -33.81 32.36
N LYS A 55 -20.69 -33.15 32.41
CA LYS A 55 -21.95 -33.74 31.94
C LYS A 55 -21.92 -33.75 30.41
N SER A 56 -21.79 -32.57 29.83
CA SER A 56 -21.72 -32.42 28.39
C SER A 56 -20.74 -31.29 28.15
N VAL A 57 -20.23 -31.23 26.93
CA VAL A 57 -19.29 -30.18 26.57
C VAL A 57 -19.76 -29.73 25.22
N VAL A 58 -20.42 -28.59 25.18
CA VAL A 58 -20.89 -28.06 23.91
C VAL A 58 -19.77 -27.19 23.39
N LEU A 59 -19.60 -27.17 22.08
CA LEU A 59 -18.56 -26.37 21.47
C LEU A 59 -19.15 -25.37 20.52
N MET A 60 -18.71 -24.13 20.62
CA MET A 60 -19.18 -23.11 19.69
C MET A 60 -17.94 -22.46 19.11
N SER A 61 -17.96 -22.18 17.81
CA SER A 61 -16.83 -21.54 17.13
C SER A 61 -17.29 -20.89 15.83
N HIS A 62 -16.35 -20.24 15.13
CA HIS A 62 -16.64 -19.61 13.85
C HIS A 62 -15.63 -20.10 12.84
N LEU A 63 -15.98 -19.99 11.56
CA LEU A 63 -15.09 -20.43 10.50
C LEU A 63 -15.28 -19.53 9.28
N GLY A 64 -14.25 -19.42 8.45
CA GLY A 64 -14.35 -18.59 7.26
C GLY A 64 -14.81 -17.15 7.42
N ARG A 65 -15.66 -16.71 6.49
CA ARG A 65 -16.17 -15.35 6.50
C ARG A 65 -17.61 -15.28 6.02
N PRO A 66 -18.56 -15.81 6.81
CA PRO A 66 -19.97 -15.78 6.42
C PRO A 66 -20.57 -14.38 6.51
N ASP A 67 -20.06 -13.57 7.43
CA ASP A 67 -20.55 -12.19 7.60
C ASP A 67 -21.99 -12.10 8.08
N GLY A 68 -22.33 -12.91 9.07
CA GLY A 68 -23.67 -12.89 9.61
C GLY A 68 -24.74 -13.39 8.67
N ILE A 69 -24.33 -14.19 7.68
CA ILE A 69 -25.27 -14.77 6.71
C ILE A 69 -24.93 -16.25 6.65
N PRO A 70 -25.92 -17.11 6.93
CA PRO A 70 -25.62 -18.54 6.89
C PRO A 70 -25.12 -19.01 5.53
N MET A 71 -24.10 -19.87 5.56
CA MET A 71 -23.50 -20.41 4.36
C MET A 71 -23.06 -21.83 4.66
N PRO A 72 -24.03 -22.76 4.82
CA PRO A 72 -23.78 -24.17 5.11
C PRO A 72 -22.84 -24.83 4.10
N ASP A 73 -23.06 -24.52 2.82
CA ASP A 73 -22.26 -25.07 1.74
C ASP A 73 -21.04 -24.18 1.52
N LYS A 74 -20.22 -24.02 2.56
CA LYS A 74 -19.02 -23.20 2.43
C LYS A 74 -18.26 -23.13 3.74
N TYR A 75 -18.77 -22.33 4.66
CA TYR A 75 -18.14 -22.16 5.95
C TYR A 75 -18.83 -22.96 7.07
N SER A 76 -19.12 -24.23 6.80
CA SER A 76 -19.76 -25.10 7.78
C SER A 76 -18.74 -25.89 8.61
N LEU A 77 -18.94 -25.89 9.92
CA LEU A 77 -18.03 -26.57 10.84
C LEU A 77 -18.24 -28.08 10.93
N GLU A 78 -18.90 -28.67 9.94
CA GLU A 78 -19.14 -30.09 9.98
C GLU A 78 -17.88 -30.93 9.73
N PRO A 79 -17.01 -30.51 8.80
CA PRO A 79 -15.79 -31.27 8.54
C PRO A 79 -14.95 -31.34 9.80
N VAL A 80 -15.16 -30.36 10.66
CA VAL A 80 -14.45 -30.27 11.92
C VAL A 80 -15.04 -31.20 12.97
N ALA A 81 -16.33 -31.49 12.85
CA ALA A 81 -17.00 -32.40 13.78
C ALA A 81 -16.40 -33.79 13.57
N ASP A 82 -16.21 -34.14 12.30
CA ASP A 82 -15.62 -35.42 11.94
C ASP A 82 -14.16 -35.40 12.35
N GLU A 83 -13.42 -34.44 11.84
CA GLU A 83 -12.00 -34.38 12.17
C GLU A 83 -11.80 -34.52 13.66
N LEU A 84 -12.74 -33.98 14.43
CA LEU A 84 -12.62 -34.04 15.88
C LEU A 84 -12.95 -35.41 16.48
N LYS A 85 -14.02 -36.06 16.04
CA LYS A 85 -14.32 -37.36 16.61
C LYS A 85 -13.15 -38.28 16.33
N SER A 86 -12.51 -38.05 15.19
CA SER A 86 -11.36 -38.84 14.78
C SER A 86 -10.22 -38.71 15.78
N LEU A 87 -9.80 -37.47 16.03
CA LEU A 87 -8.71 -37.16 16.94
C LEU A 87 -8.98 -37.47 18.39
N LEU A 88 -10.26 -37.65 18.74
CA LEU A 88 -10.61 -37.96 20.12
C LEU A 88 -10.88 -39.43 20.26
N ASN A 89 -11.18 -40.08 19.13
CA ASN A 89 -11.54 -41.50 19.13
C ASN A 89 -12.78 -41.56 20.04
N LYS A 90 -13.72 -40.66 19.74
CA LYS A 90 -14.95 -40.55 20.48
C LYS A 90 -15.91 -39.90 19.49
N ASP A 91 -17.19 -40.22 19.59
CA ASP A 91 -18.14 -39.65 18.67
C ASP A 91 -18.67 -38.30 19.11
N VAL A 92 -18.47 -37.30 18.25
CA VAL A 92 -18.94 -35.94 18.51
C VAL A 92 -20.25 -35.68 17.76
N ILE A 93 -21.28 -35.29 18.49
CA ILE A 93 -22.57 -35.00 17.87
C ILE A 93 -22.55 -33.57 17.33
N PHE A 94 -22.90 -33.41 16.06
CA PHE A 94 -22.91 -32.10 15.38
C PHE A 94 -24.30 -31.51 15.13
N LEU A 95 -24.55 -30.28 15.59
CA LEU A 95 -25.84 -29.62 15.37
C LEU A 95 -25.77 -28.64 14.21
N LYS A 96 -26.82 -28.61 13.40
CA LYS A 96 -26.83 -27.72 12.24
C LYS A 96 -27.07 -26.26 12.59
N ASP A 97 -27.15 -25.97 13.88
CA ASP A 97 -27.32 -24.58 14.30
C ASP A 97 -26.66 -24.32 15.67
N CYS A 98 -26.56 -23.05 16.05
CA CYS A 98 -25.92 -22.72 17.31
C CYS A 98 -26.86 -22.05 18.30
N VAL A 99 -28.07 -21.71 17.87
CA VAL A 99 -29.05 -21.08 18.77
C VAL A 99 -30.44 -21.58 18.48
N GLY A 100 -31.45 -20.95 19.09
CA GLY A 100 -32.83 -21.34 18.85
C GLY A 100 -33.43 -22.46 19.70
N PRO A 101 -34.66 -22.91 19.36
CA PRO A 101 -35.42 -23.96 20.05
C PRO A 101 -34.80 -25.37 20.08
N GLU A 102 -34.52 -25.95 18.92
CA GLU A 102 -33.94 -27.30 18.88
C GLU A 102 -32.52 -27.43 19.43
N VAL A 103 -31.70 -26.39 19.24
CA VAL A 103 -30.35 -26.43 19.76
C VAL A 103 -30.39 -26.40 21.28
N GLU A 104 -31.18 -25.48 21.85
CA GLU A 104 -31.30 -25.35 23.30
C GLU A 104 -31.70 -26.65 23.96
N GLN A 105 -32.61 -27.36 23.30
CA GLN A 105 -33.15 -28.63 23.77
C GLN A 105 -32.12 -29.77 23.81
N ALA A 106 -31.48 -30.00 22.67
CA ALA A 106 -30.49 -31.06 22.52
C ALA A 106 -29.31 -30.92 23.49
N CYS A 107 -29.16 -29.73 24.08
CA CYS A 107 -28.07 -29.47 25.02
C CYS A 107 -28.56 -29.40 26.46
N ALA A 108 -29.89 -29.42 26.62
CA ALA A 108 -30.52 -29.33 27.93
C ALA A 108 -30.05 -30.45 28.85
N ASN A 109 -30.13 -31.69 28.38
CA ASN A 109 -29.67 -32.81 29.20
C ASN A 109 -29.06 -33.94 28.36
N PRO A 110 -27.79 -33.76 27.95
CA PRO A 110 -27.08 -34.75 27.14
C PRO A 110 -26.63 -35.94 28.00
N ASP A 111 -26.41 -37.09 27.37
CA ASP A 111 -26.00 -38.26 28.12
C ASP A 111 -24.61 -38.00 28.68
N ASN A 112 -24.52 -38.02 30.00
CA ASN A 112 -23.25 -37.78 30.68
C ASN A 112 -22.02 -38.21 29.87
N GLY A 113 -21.44 -37.25 29.16
CA GLY A 113 -20.25 -37.52 28.37
C GLY A 113 -20.31 -37.04 26.93
N SER A 114 -21.48 -36.63 26.48
CA SER A 114 -21.64 -36.20 25.10
C SER A 114 -21.02 -34.87 24.69
N ILE A 115 -20.17 -34.94 23.68
CA ILE A 115 -19.54 -33.73 23.17
C ILE A 115 -20.37 -33.32 21.94
N ILE A 116 -20.77 -32.05 21.92
CA ILE A 116 -21.58 -31.49 20.84
C ILE A 116 -20.85 -30.36 20.17
N LEU A 117 -21.08 -30.19 18.88
CA LEU A 117 -20.44 -29.12 18.14
C LEU A 117 -21.50 -28.33 17.38
N LEU A 118 -21.64 -27.07 17.74
CA LEU A 118 -22.62 -26.19 17.12
C LEU A 118 -22.17 -25.74 15.75
N GLU A 119 -23.12 -25.43 14.88
CA GLU A 119 -22.77 -24.95 13.55
C GLU A 119 -22.00 -23.63 13.68
N ASN A 120 -21.51 -23.12 12.55
CA ASN A 120 -20.74 -21.87 12.51
C ASN A 120 -21.46 -20.72 13.21
N LEU A 121 -20.81 -20.16 14.23
CA LEU A 121 -21.36 -19.05 14.97
C LEU A 121 -21.65 -17.85 14.11
N ARG A 122 -20.70 -17.48 13.26
CA ARG A 122 -20.89 -16.31 12.42
C ARG A 122 -21.89 -16.42 11.29
N PHE A 123 -22.80 -17.38 11.40
CA PHE A 123 -23.85 -17.52 10.41
C PHE A 123 -24.96 -16.58 10.86
N HIS A 124 -24.75 -15.92 12.00
CA HIS A 124 -25.71 -14.98 12.54
C HIS A 124 -25.06 -13.62 12.75
N VAL A 125 -25.71 -12.55 12.30
CA VAL A 125 -25.14 -11.22 12.48
C VAL A 125 -24.95 -10.90 13.96
N GLU A 126 -25.83 -11.46 14.80
CA GLU A 126 -25.77 -11.25 16.24
C GLU A 126 -24.40 -11.55 16.84
N GLU A 127 -23.66 -12.47 16.25
CA GLU A 127 -22.34 -12.83 16.77
C GLU A 127 -21.41 -11.61 16.76
N GLU A 128 -21.20 -11.06 15.58
CA GLU A 128 -20.32 -9.90 15.41
C GLU A 128 -21.03 -8.56 15.59
N GLY A 129 -22.32 -8.52 15.26
CA GLY A 129 -23.05 -7.27 15.38
C GLY A 129 -23.10 -6.61 14.01
N LYS A 130 -22.07 -6.87 13.21
CA LYS A 130 -21.99 -6.32 11.87
C LYS A 130 -21.95 -7.50 10.90
N GLY A 131 -22.16 -7.21 9.63
CA GLY A 131 -22.14 -8.27 8.62
C GLY A 131 -22.59 -7.68 7.30
N LYS A 132 -22.73 -8.51 6.29
CA LYS A 132 -23.17 -8.05 4.98
C LYS A 132 -24.25 -8.99 4.48
N ASP A 133 -25.18 -8.48 3.67
CA ASP A 133 -26.24 -9.34 3.16
C ASP A 133 -25.74 -10.12 1.98
N SER A 134 -26.66 -10.87 1.37
CA SER A 134 -26.35 -11.71 0.23
C SER A 134 -26.08 -10.85 -1.00
N SER A 135 -26.08 -9.54 -0.80
CA SER A 135 -25.82 -8.59 -1.86
C SER A 135 -24.75 -7.55 -1.48
N GLY A 136 -23.87 -7.90 -0.54
CA GLY A 136 -22.80 -7.02 -0.13
C GLY A 136 -23.11 -5.72 0.60
N LYS A 137 -24.33 -5.57 1.08
CA LYS A 137 -24.67 -4.36 1.79
C LYS A 137 -24.53 -4.59 3.28
N LYS A 138 -23.61 -3.86 3.91
CA LYS A 138 -23.41 -4.00 5.35
C LYS A 138 -24.75 -3.99 6.09
N ILE A 139 -24.84 -4.75 7.19
CA ILE A 139 -26.05 -4.79 8.00
C ILE A 139 -25.70 -4.68 9.48
N SER A 140 -26.70 -4.46 10.32
CA SER A 140 -26.41 -4.32 11.75
C SER A 140 -27.40 -5.04 12.66
N ALA A 141 -26.86 -5.98 13.43
CA ALA A 141 -27.65 -6.77 14.36
C ALA A 141 -28.58 -5.90 15.21
N ASP A 142 -29.77 -6.44 15.51
CA ASP A 142 -30.78 -5.76 16.33
C ASP A 142 -30.50 -5.97 17.83
N PRO A 143 -30.30 -4.88 18.57
CA PRO A 143 -30.01 -4.88 20.01
C PRO A 143 -30.77 -5.94 20.80
N ALA A 144 -31.87 -6.41 20.22
CA ALA A 144 -32.70 -7.42 20.87
C ALA A 144 -32.42 -8.82 20.34
N LYS A 145 -32.30 -8.96 19.02
CA LYS A 145 -32.00 -10.25 18.43
C LYS A 145 -30.64 -10.74 18.96
N VAL A 146 -29.85 -9.81 19.47
CA VAL A 146 -28.54 -10.14 19.99
C VAL A 146 -28.68 -10.57 21.44
N GLU A 147 -29.68 -10.05 22.14
CA GLU A 147 -29.89 -10.46 23.52
C GLU A 147 -30.37 -11.90 23.47
N ALA A 148 -31.34 -12.16 22.60
CA ALA A 148 -31.92 -13.48 22.47
C ALA A 148 -30.86 -14.48 22.12
N PHE A 149 -29.89 -14.02 21.32
CA PHE A 149 -28.79 -14.85 20.86
C PHE A 149 -27.94 -15.32 22.03
N ARG A 150 -27.52 -14.36 22.85
CA ARG A 150 -26.70 -14.66 24.00
C ARG A 150 -27.49 -15.44 25.04
N ALA A 151 -28.81 -15.23 25.03
CA ALA A 151 -29.70 -15.89 25.97
C ALA A 151 -29.78 -17.39 25.69
N SER A 152 -30.02 -17.75 24.43
CA SER A 152 -30.15 -19.14 24.02
C SER A 152 -28.84 -19.88 24.21
N LEU A 153 -27.76 -19.17 23.90
CA LEU A 153 -26.41 -19.67 24.00
C LEU A 153 -26.10 -20.06 25.45
N SER A 154 -26.56 -19.23 26.38
CA SER A 154 -26.33 -19.46 27.80
C SER A 154 -27.06 -20.67 28.37
N LYS A 155 -28.25 -20.95 27.82
CA LYS A 155 -29.08 -22.10 28.22
C LYS A 155 -28.36 -23.43 27.96
N LEU A 156 -27.39 -23.40 27.05
CA LEU A 156 -26.63 -24.58 26.62
C LEU A 156 -25.50 -25.10 27.52
N GLY A 157 -25.35 -24.55 28.71
CA GLY A 157 -24.28 -25.04 29.58
C GLY A 157 -24.34 -24.43 30.96
N ASP A 158 -23.87 -25.18 31.97
CA ASP A 158 -23.88 -24.71 33.36
C ASP A 158 -22.70 -23.81 33.68
N VAL A 159 -21.54 -24.16 33.13
CA VAL A 159 -20.33 -23.36 33.31
C VAL A 159 -19.88 -22.92 31.92
N TYR A 160 -19.34 -21.72 31.80
CA TYR A 160 -18.85 -21.22 30.51
C TYR A 160 -17.33 -21.19 30.53
N VAL A 161 -16.73 -21.66 29.44
CA VAL A 161 -15.28 -21.69 29.31
C VAL A 161 -14.86 -21.05 27.99
N ASN A 162 -14.00 -20.05 28.05
CA ASN A 162 -13.53 -19.40 26.84
C ASN A 162 -12.09 -19.83 26.59
N ASP A 163 -11.89 -20.56 25.51
CA ASP A 163 -10.57 -21.05 25.17
C ASP A 163 -10.22 -20.60 23.77
N ALA A 164 -10.64 -19.38 23.44
CA ALA A 164 -10.37 -18.82 22.12
C ALA A 164 -9.64 -17.52 22.32
N PHE A 165 -8.43 -17.58 22.87
CA PHE A 165 -7.66 -16.37 23.12
C PHE A 165 -7.61 -15.43 21.91
N GLY A 166 -7.55 -16.01 20.72
CA GLY A 166 -7.47 -15.22 19.52
C GLY A 166 -8.64 -14.34 19.13
N THR A 167 -9.71 -14.34 19.91
CA THR A 167 -10.86 -13.51 19.58
C THR A 167 -11.32 -12.75 20.82
N ALA A 168 -10.49 -12.76 21.84
CA ALA A 168 -10.81 -12.08 23.09
C ALA A 168 -10.68 -10.57 22.96
N HIS A 169 -10.22 -10.09 21.81
CA HIS A 169 -10.06 -8.67 21.59
C HIS A 169 -11.34 -8.13 20.96
N ARG A 170 -12.24 -9.06 20.62
CA ARG A 170 -13.52 -8.71 20.03
C ARG A 170 -14.66 -8.89 21.04
N ALA A 171 -15.53 -7.88 21.11
CA ALA A 171 -16.68 -7.88 22.03
C ALA A 171 -17.87 -8.58 21.39
N HIS A 172 -17.63 -9.77 20.86
CA HIS A 172 -18.67 -10.55 20.22
C HIS A 172 -19.47 -11.35 21.24
N SER A 173 -20.62 -11.84 20.81
CA SER A 173 -21.51 -12.61 21.67
C SER A 173 -20.83 -13.76 22.40
N SER A 174 -20.36 -14.75 21.66
CA SER A 174 -19.68 -15.90 22.28
C SER A 174 -18.54 -15.46 23.18
N MET A 175 -18.14 -14.19 23.05
CA MET A 175 -17.05 -13.66 23.84
C MET A 175 -17.48 -12.97 25.13
N VAL A 176 -18.60 -12.26 25.11
CA VAL A 176 -19.09 -11.58 26.32
C VAL A 176 -20.60 -11.57 26.46
N GLY A 177 -21.27 -12.62 26.00
CA GLY A 177 -22.71 -12.66 26.08
C GLY A 177 -23.29 -13.81 26.88
N VAL A 178 -22.45 -14.80 27.15
CA VAL A 178 -22.86 -15.96 27.91
C VAL A 178 -23.06 -15.60 29.37
N ASN A 179 -24.27 -15.85 29.85
CA ASN A 179 -24.65 -15.55 31.22
C ASN A 179 -24.62 -16.82 32.07
N LEU A 180 -23.50 -17.09 32.72
CA LEU A 180 -23.36 -18.27 33.58
C LEU A 180 -22.58 -17.97 34.87
N PRO A 181 -22.92 -18.63 35.98
CA PRO A 181 -22.22 -18.39 37.25
C PRO A 181 -20.68 -18.37 37.14
N GLN A 182 -20.14 -19.05 36.14
CA GLN A 182 -18.72 -19.08 35.97
C GLN A 182 -18.26 -18.99 34.51
N LYS A 183 -17.39 -18.00 34.26
CA LYS A 183 -16.81 -17.80 32.96
C LYS A 183 -15.31 -17.99 33.14
N ALA A 184 -14.86 -19.24 32.99
CA ALA A 184 -13.46 -19.58 33.15
C ALA A 184 -12.69 -19.44 31.84
N SER A 185 -11.49 -19.98 31.80
CA SER A 185 -10.72 -19.93 30.57
C SER A 185 -10.10 -21.30 30.30
N GLY A 186 -9.96 -21.64 29.03
CA GLY A 186 -9.36 -22.91 28.68
C GLY A 186 -7.87 -22.87 28.98
N PHE A 187 -7.21 -24.02 28.87
CA PHE A 187 -5.77 -24.09 29.11
C PHE A 187 -5.03 -23.30 28.07
N LEU A 188 -5.54 -23.31 26.83
CA LEU A 188 -4.88 -22.58 25.76
C LEU A 188 -4.91 -21.08 26.00
N MET A 189 -6.07 -20.55 26.34
CA MET A 189 -6.18 -19.13 26.62
C MET A 189 -5.46 -18.79 27.90
N LYS A 190 -5.38 -19.74 28.83
CA LYS A 190 -4.70 -19.49 30.09
C LYS A 190 -3.21 -19.20 29.86
N LYS A 191 -2.53 -20.11 29.14
CA LYS A 191 -1.10 -19.95 28.87
C LYS A 191 -0.83 -18.64 28.13
N GLU A 192 -1.76 -18.23 27.27
CA GLU A 192 -1.63 -16.98 26.52
C GLU A 192 -1.59 -15.81 27.52
N LEU A 193 -2.58 -15.78 28.39
CA LEU A 193 -2.64 -14.73 29.38
C LEU A 193 -1.40 -14.76 30.28
N ASP A 194 -1.07 -15.93 30.83
CA ASP A 194 0.09 -16.07 31.72
C ASP A 194 1.31 -15.33 31.22
N TYR A 195 1.73 -15.67 30.01
CA TYR A 195 2.89 -15.04 29.41
C TYR A 195 2.70 -13.56 29.13
N PHE A 196 1.73 -13.21 28.29
CA PHE A 196 1.51 -11.80 28.01
C PHE A 196 1.30 -10.95 29.29
N SER A 197 0.75 -11.55 30.34
CA SER A 197 0.54 -10.86 31.60
C SER A 197 1.70 -11.15 32.53
N LYS A 198 2.88 -10.75 32.07
CA LYS A 198 4.12 -10.90 32.79
C LYS A 198 5.02 -9.97 32.01
N ALA A 199 4.66 -9.83 30.75
CA ALA A 199 5.36 -8.96 29.84
C ALA A 199 4.84 -7.56 30.09
N LEU A 200 3.67 -7.49 30.70
CA LEU A 200 3.02 -6.21 30.96
C LEU A 200 2.81 -5.91 32.42
N GLU A 201 3.36 -6.72 33.31
CA GLU A 201 3.19 -6.46 34.73
C GLU A 201 4.56 -6.36 35.39
N LYS A 202 5.28 -7.47 35.45
CA LYS A 202 6.61 -7.45 36.05
C LYS A 202 7.55 -8.27 35.19
N PRO A 203 8.03 -7.70 34.10
CA PRO A 203 8.92 -8.50 33.27
C PRO A 203 10.26 -8.80 33.92
N GLU A 204 10.77 -9.99 33.65
CA GLU A 204 12.08 -10.37 34.15
C GLU A 204 12.97 -9.38 33.41
N ARG A 205 14.09 -8.99 33.98
CA ARG A 205 14.92 -8.01 33.29
C ARG A 205 16.36 -8.49 33.16
N PRO A 206 17.05 -8.08 32.07
CA PRO A 206 16.58 -7.21 30.98
C PRO A 206 15.48 -7.79 30.10
N PHE A 207 14.51 -6.94 29.75
CA PHE A 207 13.40 -7.33 28.90
C PHE A 207 13.52 -6.65 27.54
N LEU A 208 13.76 -7.49 26.52
CA LEU A 208 13.91 -7.05 25.15
C LEU A 208 12.67 -7.38 24.33
N ALA A 209 12.28 -6.46 23.46
CA ALA A 209 11.13 -6.68 22.59
C ALA A 209 11.58 -6.49 21.16
N ILE A 210 11.36 -7.48 20.32
CA ILE A 210 11.74 -7.37 18.91
C ILE A 210 10.46 -7.14 18.15
N LEU A 211 10.24 -5.91 17.70
CA LEU A 211 9.03 -5.55 16.99
C LEU A 211 9.21 -5.37 15.50
N GLY A 212 8.65 -6.29 14.71
CA GLY A 212 8.76 -6.21 13.26
C GLY A 212 7.53 -5.56 12.65
N GLY A 213 7.59 -5.23 11.37
CA GLY A 213 6.45 -4.60 10.73
C GLY A 213 6.77 -3.95 9.40
N ALA A 214 5.99 -2.93 9.06
CA ALA A 214 6.16 -2.16 7.81
C ALA A 214 5.46 -0.84 8.07
N LYS A 215 4.22 -1.00 8.49
CA LYS A 215 3.32 0.08 8.81
C LYS A 215 3.81 0.70 10.12
N VAL A 216 4.47 1.85 10.03
CA VAL A 216 4.95 2.51 11.23
C VAL A 216 3.73 3.10 11.94
N LYS A 217 2.79 3.57 11.13
CA LYS A 217 1.55 4.17 11.62
C LYS A 217 0.73 3.08 12.31
N ASP A 218 0.79 1.88 11.77
CA ASP A 218 0.03 0.78 12.37
C ASP A 218 0.96 -0.05 13.25
N LYS A 219 1.72 0.64 14.10
CA LYS A 219 2.66 0.01 15.00
C LYS A 219 3.05 0.94 16.12
N ILE A 220 2.88 2.24 15.88
CA ILE A 220 3.23 3.26 16.85
C ILE A 220 2.52 3.13 18.18
N GLN A 221 1.31 2.57 18.18
CA GLN A 221 0.58 2.41 19.43
C GLN A 221 1.21 1.25 20.19
N LEU A 222 1.81 0.35 19.43
CA LEU A 222 2.46 -0.83 20.00
C LEU A 222 3.86 -0.53 20.52
N ILE A 223 4.63 0.20 19.74
CA ILE A 223 5.99 0.55 20.14
C ILE A 223 5.92 1.45 21.36
N LYS A 224 4.99 2.39 21.36
CA LYS A 224 4.86 3.32 22.47
C LYS A 224 4.48 2.61 23.77
N ASN A 225 3.67 1.56 23.68
CA ASN A 225 3.31 0.90 24.92
C ASN A 225 4.48 0.07 25.39
N MET A 226 5.04 -0.74 24.50
CA MET A 226 6.18 -1.56 24.85
C MET A 226 7.30 -0.72 25.42
N LEU A 227 7.38 0.52 24.93
CA LEU A 227 8.39 1.46 25.36
C LEU A 227 8.34 1.69 26.87
N ASP A 228 7.19 1.40 27.46
CA ASP A 228 7.01 1.60 28.90
C ASP A 228 7.52 0.48 29.78
N LYS A 229 7.95 -0.65 29.20
CA LYS A 229 8.42 -1.74 30.06
C LYS A 229 9.61 -2.54 29.54
N VAL A 230 10.11 -2.20 28.35
CA VAL A 230 11.24 -2.92 27.78
C VAL A 230 12.51 -2.17 28.07
N ASN A 231 13.61 -2.90 28.22
CA ASN A 231 14.91 -2.29 28.48
C ASN A 231 15.52 -2.04 27.11
N PHE A 232 15.34 -3.02 26.22
CA PHE A 232 15.86 -2.97 24.87
C PHE A 232 14.73 -3.10 23.84
N MET A 233 15.02 -2.70 22.61
CA MET A 233 14.05 -2.84 21.53
C MET A 233 14.75 -2.93 20.20
N ILE A 234 14.47 -4.00 19.47
CA ILE A 234 15.03 -4.19 18.16
C ILE A 234 13.89 -3.99 17.18
N ILE A 235 14.03 -2.98 16.33
CA ILE A 235 13.00 -2.70 15.35
C ILE A 235 13.43 -3.11 13.96
N GLY A 236 12.86 -4.22 13.49
CA GLY A 236 13.16 -4.72 12.17
C GLY A 236 11.95 -4.52 11.29
N GLY A 237 12.00 -5.00 10.05
CA GLY A 237 10.86 -4.81 9.17
C GLY A 237 11.08 -3.59 8.29
N GLY A 238 10.10 -3.28 7.45
CA GLY A 238 10.21 -2.15 6.55
C GLY A 238 9.91 -0.81 7.20
N MET A 239 9.49 -0.84 8.46
CA MET A 239 9.21 0.39 9.16
C MET A 239 10.53 0.93 9.63
N ALA A 240 11.56 0.07 9.61
CA ALA A 240 12.90 0.46 10.03
C ALA A 240 13.49 1.52 9.09
N TYR A 241 13.09 1.44 7.82
CA TYR A 241 13.57 2.39 6.85
C TYR A 241 13.07 3.79 7.14
N THR A 242 11.85 3.89 7.64
CA THR A 242 11.34 5.20 7.98
C THR A 242 12.22 5.82 9.05
N PHE A 243 12.70 5.00 9.98
CA PHE A 243 13.55 5.52 11.04
C PHE A 243 14.89 5.96 10.50
N LEU A 244 15.57 5.04 9.82
CA LEU A 244 16.86 5.34 9.26
C LEU A 244 16.76 6.47 8.23
N LYS A 245 15.66 6.50 7.46
CA LYS A 245 15.50 7.56 6.48
C LYS A 245 15.39 8.88 7.19
N GLU A 246 15.12 8.85 8.49
CA GLU A 246 15.03 10.08 9.26
C GLU A 246 16.27 10.25 10.12
N LEU A 247 16.31 9.52 11.22
CA LEU A 247 17.44 9.60 12.14
C LEU A 247 18.80 9.64 11.45
N LYS A 248 18.92 9.01 10.29
CA LYS A 248 20.19 8.98 9.57
C LYS A 248 20.17 9.43 8.10
N ASN A 249 19.05 10.01 7.65
CA ASN A 249 18.95 10.48 6.27
C ASN A 249 19.34 9.40 5.25
N MET A 250 19.33 8.14 5.67
CA MET A 250 19.69 7.02 4.80
C MET A 250 18.78 7.00 3.58
N GLN A 251 19.33 6.59 2.44
CA GLN A 251 18.55 6.49 1.22
C GLN A 251 18.05 5.06 1.09
N ILE A 252 16.73 4.92 0.89
CA ILE A 252 16.09 3.62 0.74
C ILE A 252 15.52 3.46 -0.68
N GLY A 253 16.34 3.79 -1.68
CA GLY A 253 15.95 3.71 -3.07
C GLY A 253 14.50 3.31 -3.31
N ALA A 254 14.31 2.06 -3.77
CA ALA A 254 12.98 1.53 -4.02
C ALA A 254 12.24 1.40 -2.69
N SER A 255 12.72 0.46 -1.86
CA SER A 255 12.17 0.15 -0.54
C SER A 255 11.00 1.04 -0.14
N LEU A 256 9.81 0.45 -0.09
CA LEU A 256 8.57 1.14 0.26
C LEU A 256 8.71 2.35 1.23
N PHE A 257 8.34 3.53 0.71
CA PHE A 257 8.35 4.84 1.39
C PHE A 257 7.16 4.94 2.37
N ASP A 258 7.26 5.81 3.38
CA ASP A 258 6.17 6.01 4.34
C ASP A 258 5.85 7.51 4.36
N GLU A 259 4.57 7.87 4.35
CA GLU A 259 4.17 9.28 4.35
C GLU A 259 4.59 10.04 5.59
N GLU A 260 3.84 9.82 6.67
CA GLU A 260 4.08 10.53 7.93
C GLU A 260 5.20 9.94 8.80
N GLY A 261 6.18 9.29 8.17
CA GLY A 261 7.25 8.73 8.96
C GLY A 261 7.75 9.85 9.83
N ALA A 262 7.84 11.02 9.21
CA ALA A 262 8.30 12.25 9.85
C ALA A 262 8.11 12.31 11.37
N THR A 263 7.00 12.94 11.76
CA THR A 263 6.65 13.15 13.16
C THR A 263 6.71 11.92 14.08
N ILE A 264 5.85 10.94 13.84
CA ILE A 264 5.78 9.75 14.68
C ILE A 264 7.14 9.18 15.05
N VAL A 265 8.06 9.11 14.09
CA VAL A 265 9.39 8.58 14.41
C VAL A 265 10.03 9.47 15.49
N LYS A 266 10.28 10.73 15.15
CA LYS A 266 10.89 11.69 16.08
C LYS A 266 10.21 11.57 17.45
N GLU A 267 8.90 11.32 17.41
CA GLU A 267 8.07 11.18 18.59
C GLU A 267 8.24 9.83 19.32
N ILE A 268 8.43 8.75 18.56
CA ILE A 268 8.65 7.46 19.22
C ILE A 268 10.06 7.46 19.74
N MET A 269 10.93 8.19 19.06
CA MET A 269 12.32 8.29 19.46
C MET A 269 12.54 8.93 20.82
N GLU A 270 12.00 10.13 21.02
CA GLU A 270 12.18 10.81 22.29
C GLU A 270 11.65 10.02 23.48
N LYS A 271 10.48 9.39 23.31
CA LYS A 271 9.88 8.59 24.38
C LYS A 271 10.84 7.52 24.86
N ALA A 272 11.68 7.02 23.95
CA ALA A 272 12.66 6.00 24.31
C ALA A 272 13.78 6.67 25.11
N GLU A 273 14.11 7.89 24.71
CA GLU A 273 15.15 8.68 25.36
C GLU A 273 14.79 9.00 26.81
N LYS A 274 13.54 9.36 27.04
CA LYS A 274 13.10 9.69 28.38
C LYS A 274 13.00 8.43 29.21
N ASN A 275 12.68 7.30 28.58
CA ASN A 275 12.54 6.04 29.30
C ASN A 275 13.85 5.31 29.44
N GLY A 276 14.91 5.83 28.84
CA GLY A 276 16.20 5.19 28.94
C GLY A 276 16.27 3.90 28.16
N VAL A 277 15.56 3.87 27.03
CA VAL A 277 15.55 2.67 26.21
C VAL A 277 16.47 2.78 25.02
N LYS A 278 17.26 1.73 24.82
CA LYS A 278 18.18 1.64 23.71
C LYS A 278 17.43 0.95 22.59
N ILE A 279 17.18 1.69 21.50
CA ILE A 279 16.49 1.14 20.36
C ILE A 279 17.55 0.87 19.34
N VAL A 280 17.64 -0.37 18.91
CA VAL A 280 18.63 -0.70 17.91
C VAL A 280 17.93 -0.76 16.57
N PHE A 281 18.72 -0.72 15.51
CA PHE A 281 18.19 -0.76 14.14
C PHE A 281 19.09 -1.59 13.25
N PRO A 282 18.61 -1.92 12.06
CA PRO A 282 19.48 -2.71 11.21
C PRO A 282 20.62 -1.77 10.80
N VAL A 283 21.83 -2.31 10.70
CA VAL A 283 22.96 -1.48 10.29
C VAL A 283 23.21 -1.73 8.82
N ASP A 284 23.08 -2.98 8.40
CA ASP A 284 23.25 -3.34 7.00
C ASP A 284 22.02 -4.13 6.62
N PHE A 285 21.83 -4.36 5.33
CA PHE A 285 20.66 -5.09 4.87
C PHE A 285 20.92 -5.75 3.56
N VAL A 286 20.41 -6.97 3.42
CA VAL A 286 20.54 -7.70 2.18
C VAL A 286 19.53 -7.04 1.23
N THR A 287 20.03 -6.40 0.17
CA THR A 287 19.16 -5.71 -0.79
C THR A 287 18.64 -6.59 -1.94
N GLY A 288 17.46 -6.23 -2.46
CA GLY A 288 16.85 -6.97 -3.55
C GLY A 288 16.41 -6.04 -4.67
N ASP A 289 16.55 -6.49 -5.91
CA ASP A 289 16.19 -5.69 -7.10
C ASP A 289 14.70 -5.81 -7.52
N LYS A 290 13.99 -6.80 -6.99
CA LYS A 290 12.58 -6.99 -7.34
C LYS A 290 11.87 -7.73 -6.22
N PHE A 291 10.68 -7.24 -5.84
CA PHE A 291 9.93 -7.91 -4.79
C PHE A 291 9.57 -9.30 -5.30
N ASP A 292 10.54 -10.21 -5.23
CA ASP A 292 10.36 -11.57 -5.72
C ASP A 292 11.43 -12.53 -5.20
N GLU A 293 11.00 -13.62 -4.55
CA GLU A 293 11.92 -14.61 -3.98
C GLU A 293 13.12 -14.99 -4.86
N ASN A 294 13.02 -14.70 -6.15
CA ASN A 294 14.11 -14.99 -7.08
C ASN A 294 14.52 -13.66 -7.69
N ALA A 295 15.25 -12.86 -6.92
CA ALA A 295 15.70 -11.58 -7.42
C ALA A 295 17.21 -11.47 -7.20
N LYS A 296 17.88 -10.80 -8.13
CA LYS A 296 19.33 -10.63 -8.03
C LYS A 296 19.68 -9.97 -6.70
N VAL A 297 20.20 -10.80 -5.80
CA VAL A 297 20.59 -10.34 -4.47
C VAL A 297 21.65 -9.24 -4.46
N GLY A 298 21.52 -8.32 -3.50
CA GLY A 298 22.45 -7.20 -3.35
C GLY A 298 22.65 -6.88 -1.87
N GLN A 299 23.61 -6.01 -1.57
CA GLN A 299 23.88 -5.65 -0.17
C GLN A 299 24.06 -4.14 -0.01
N ALA A 300 23.93 -3.65 1.22
CA ALA A 300 24.06 -2.22 1.47
C ALA A 300 24.12 -1.85 2.94
N THR A 301 24.83 -0.76 3.24
CA THR A 301 24.95 -0.26 4.61
C THR A 301 24.29 1.11 4.67
N ILE A 302 23.93 1.55 5.87
CA ILE A 302 23.30 2.85 5.99
C ILE A 302 24.10 3.91 5.25
N GLU A 303 25.34 4.19 5.69
CA GLU A 303 26.20 5.19 5.05
C GLU A 303 26.18 4.95 3.55
N SER A 304 26.17 3.68 3.18
CA SER A 304 26.13 3.26 1.78
C SER A 304 24.78 3.64 1.17
N GLY A 305 23.78 2.80 1.33
CA GLY A 305 22.46 3.11 0.81
C GLY A 305 21.82 2.03 -0.05
N ILE A 306 20.50 2.14 -0.22
CA ILE A 306 19.74 1.19 -1.04
C ILE A 306 19.53 1.87 -2.40
N PRO A 307 20.43 1.65 -3.36
CA PRO A 307 20.32 2.26 -4.69
C PRO A 307 18.90 2.25 -5.31
N SER A 308 18.70 3.16 -6.27
CA SER A 308 17.42 3.33 -6.97
C SER A 308 16.82 2.08 -7.59
N GLY A 309 15.78 1.54 -6.97
CA GLY A 309 15.14 0.35 -7.50
C GLY A 309 15.34 -0.85 -6.60
N TRP A 310 16.53 -0.98 -6.04
CA TRP A 310 16.80 -2.09 -5.14
C TRP A 310 16.06 -1.81 -3.83
N MET A 311 16.05 -2.80 -2.94
CA MET A 311 15.36 -2.67 -1.66
C MET A 311 15.73 -3.78 -0.66
N GLY A 312 15.83 -3.40 0.61
CA GLY A 312 16.17 -4.37 1.64
C GLY A 312 14.98 -5.26 1.97
N LEU A 313 15.25 -6.54 2.19
CA LEU A 313 14.20 -7.49 2.51
C LEU A 313 14.58 -8.28 3.74
N ASP A 314 15.87 -8.26 4.04
CA ASP A 314 16.42 -8.91 5.21
C ASP A 314 17.55 -8.04 5.69
N CYS A 315 17.97 -8.20 6.94
CA CYS A 315 19.04 -7.40 7.48
C CYS A 315 20.39 -8.04 7.19
N GLY A 316 21.43 -7.22 7.19
CA GLY A 316 22.76 -7.70 6.91
C GLY A 316 23.36 -8.55 8.01
N PRO A 317 24.58 -9.06 7.81
CA PRO A 317 25.33 -9.92 8.74
C PRO A 317 25.86 -9.19 9.98
N GLU A 318 25.96 -7.86 9.90
CA GLU A 318 26.44 -7.09 11.05
C GLU A 318 25.27 -6.91 11.98
N SER A 319 24.10 -6.72 11.35
CA SER A 319 22.86 -6.57 12.10
C SER A 319 22.63 -7.91 12.81
N ILE A 320 22.90 -9.01 12.13
CA ILE A 320 22.74 -10.33 12.73
C ILE A 320 23.54 -10.42 14.02
N LYS A 321 24.84 -10.13 13.94
CA LYS A 321 25.72 -10.21 15.09
C LYS A 321 25.30 -9.30 16.24
N ILE A 322 24.79 -8.12 15.90
CA ILE A 322 24.34 -7.17 16.90
C ILE A 322 23.22 -7.76 17.73
N ASN A 323 22.29 -8.45 17.04
CA ASN A 323 21.15 -9.07 17.69
C ASN A 323 21.66 -10.15 18.63
N ALA A 324 22.71 -10.82 18.20
CA ALA A 324 23.30 -11.85 18.99
C ALA A 324 23.54 -11.25 20.36
N GLN A 325 24.23 -10.11 20.38
CA GLN A 325 24.54 -9.42 21.62
C GLN A 325 23.32 -9.09 22.46
N ILE A 326 22.41 -8.29 21.87
CA ILE A 326 21.19 -7.92 22.59
C ILE A 326 20.54 -9.16 23.17
N VAL A 327 20.11 -10.06 22.29
CA VAL A 327 19.43 -11.29 22.67
C VAL A 327 20.10 -12.12 23.75
N ALA A 328 21.43 -12.18 23.71
CA ALA A 328 22.19 -12.97 24.67
C ALA A 328 22.10 -12.46 26.10
N GLN A 329 21.65 -11.23 26.29
CA GLN A 329 21.58 -10.68 27.63
C GLN A 329 20.22 -10.28 28.14
N ALA A 330 19.19 -10.99 27.72
CA ALA A 330 17.82 -10.70 28.15
C ALA A 330 17.28 -11.88 28.95
N LYS A 331 16.37 -11.57 29.86
CA LYS A 331 15.74 -12.61 30.67
C LYS A 331 14.30 -12.80 30.20
N LEU A 332 13.82 -11.85 29.41
CA LEU A 332 12.50 -11.93 28.83
C LEU A 332 12.52 -11.25 27.47
N ILE A 333 12.12 -11.99 26.45
CA ILE A 333 12.06 -11.51 25.09
C ILE A 333 10.68 -11.72 24.53
N VAL A 334 10.18 -10.72 23.83
CA VAL A 334 8.88 -10.81 23.18
C VAL A 334 9.10 -10.41 21.74
N TRP A 335 9.01 -11.37 20.84
CA TRP A 335 9.22 -11.07 19.43
C TRP A 335 7.92 -11.05 18.65
N ASN A 336 7.63 -9.91 18.07
CA ASN A 336 6.40 -9.73 17.30
C ASN A 336 6.65 -9.06 15.96
N GLY A 337 6.34 -9.76 14.87
CA GLY A 337 6.55 -9.16 13.57
C GLY A 337 7.74 -9.77 12.87
N PRO A 338 7.79 -9.72 11.53
CA PRO A 338 8.90 -10.28 10.76
C PRO A 338 10.10 -9.33 10.60
N ILE A 339 11.29 -9.87 10.84
CA ILE A 339 12.53 -9.11 10.73
C ILE A 339 12.95 -8.94 9.28
N GLY A 340 12.62 -9.94 8.48
CA GLY A 340 12.93 -9.97 7.06
C GLY A 340 12.05 -10.98 6.35
N VAL A 341 12.11 -11.02 5.02
CA VAL A 341 11.30 -11.93 4.23
C VAL A 341 11.89 -13.34 4.34
N PHE A 342 11.45 -14.06 5.37
CA PHE A 342 11.91 -15.40 5.69
C PHE A 342 11.27 -16.56 4.91
N GLU A 343 10.27 -16.26 4.10
CA GLU A 343 9.63 -17.32 3.33
C GLU A 343 10.44 -17.57 2.08
N TRP A 344 11.32 -16.63 1.76
CA TRP A 344 12.17 -16.77 0.59
C TRP A 344 13.55 -17.10 1.07
N ASP A 345 13.87 -18.39 1.11
CA ASP A 345 15.18 -18.84 1.55
C ASP A 345 16.30 -17.83 1.29
N ALA A 346 16.14 -16.99 0.28
CA ALA A 346 17.16 -16.00 -0.04
C ALA A 346 17.29 -14.89 0.99
N PHE A 347 16.17 -14.45 1.55
CA PHE A 347 16.16 -13.35 2.53
C PHE A 347 15.74 -13.74 3.96
N ALA A 348 15.86 -15.02 4.29
CA ALA A 348 15.50 -15.49 5.61
C ALA A 348 16.70 -15.49 6.54
N LYS A 349 17.84 -15.05 6.00
CA LYS A 349 19.09 -14.99 6.76
C LYS A 349 18.89 -14.44 8.17
N GLY A 350 18.47 -13.18 8.24
CA GLY A 350 18.27 -12.52 9.51
C GLY A 350 17.28 -13.21 10.42
N THR A 351 16.05 -13.32 9.97
CA THR A 351 15.02 -13.97 10.74
C THR A 351 15.57 -15.29 11.24
N LYS A 352 16.05 -16.12 10.33
CA LYS A 352 16.62 -17.43 10.66
C LYS A 352 17.60 -17.42 11.83
N ALA A 353 18.66 -16.62 11.67
CA ALA A 353 19.71 -16.46 12.66
C ALA A 353 19.20 -15.98 14.01
N LEU A 354 18.13 -15.19 14.01
CA LEU A 354 17.58 -14.68 15.25
C LEU A 354 16.95 -15.81 16.04
N MET A 355 16.18 -16.65 15.37
CA MET A 355 15.52 -17.73 16.06
C MET A 355 16.56 -18.53 16.81
N ASP A 356 17.77 -18.60 16.25
CA ASP A 356 18.85 -19.34 16.88
C ASP A 356 19.26 -18.65 18.17
N GLU A 357 19.62 -17.38 18.05
CA GLU A 357 20.01 -16.58 19.20
C GLU A 357 18.92 -16.66 20.27
N VAL A 358 17.66 -16.77 19.87
CA VAL A 358 16.56 -16.84 20.82
C VAL A 358 16.37 -18.24 21.42
N VAL A 359 16.43 -19.27 20.59
CA VAL A 359 16.28 -20.63 21.13
C VAL A 359 17.44 -20.82 22.11
N LYS A 360 18.59 -20.26 21.75
CA LYS A 360 19.78 -20.35 22.58
C LYS A 360 19.47 -19.67 23.91
N ALA A 361 19.04 -18.42 23.86
CA ALA A 361 18.72 -17.68 25.07
C ALA A 361 17.77 -18.49 25.95
N THR A 362 16.80 -19.15 25.33
CA THR A 362 15.84 -19.94 26.08
C THR A 362 16.48 -21.08 26.84
N SER A 363 17.40 -21.79 26.20
CA SER A 363 18.07 -22.91 26.85
C SER A 363 19.05 -22.39 27.90
N ASN A 364 19.14 -21.07 28.00
CA ASN A 364 20.02 -20.45 28.97
C ASN A 364 19.25 -19.76 30.07
N GLY A 365 17.95 -20.04 30.16
CA GLY A 365 17.16 -19.47 31.22
C GLY A 365 16.33 -18.25 30.88
N CYS A 366 16.35 -17.83 29.62
CA CYS A 366 15.56 -16.67 29.23
C CYS A 366 14.12 -17.14 29.00
N VAL A 367 13.18 -16.21 29.02
CA VAL A 367 11.77 -16.52 28.76
C VAL A 367 11.47 -15.94 27.38
N THR A 368 11.04 -16.79 26.45
CA THR A 368 10.79 -16.34 25.08
C THR A 368 9.35 -16.45 24.60
N ILE A 369 8.85 -15.35 24.03
CA ILE A 369 7.49 -15.28 23.54
C ILE A 369 7.43 -14.82 22.10
N ILE A 370 7.34 -15.81 21.21
CA ILE A 370 7.26 -15.62 19.78
C ILE A 370 5.82 -15.44 19.34
N GLY A 371 5.59 -14.46 18.47
CA GLY A 371 4.25 -14.27 17.96
C GLY A 371 4.14 -15.35 16.90
N GLY A 372 4.50 -14.99 15.67
CA GLY A 372 4.46 -15.94 14.56
C GLY A 372 4.96 -15.29 13.27
N GLU A 385 8.61 -28.03 18.83
CA GLU A 385 8.09 -26.64 18.97
C GLU A 385 8.41 -26.07 20.36
N ASP A 386 8.77 -26.95 21.30
CA ASP A 386 9.08 -26.52 22.66
C ASP A 386 10.54 -26.15 22.88
N LYS A 387 11.04 -25.28 22.01
CA LYS A 387 12.40 -24.82 22.09
C LYS A 387 12.33 -23.35 22.54
N VAL A 388 11.09 -22.85 22.64
CA VAL A 388 10.82 -21.48 23.08
C VAL A 388 9.71 -21.53 24.15
N SER A 389 9.79 -20.64 25.14
CA SER A 389 8.83 -20.64 26.23
C SER A 389 7.35 -20.62 25.86
N HIS A 390 7.01 -19.96 24.76
CA HIS A 390 5.63 -19.88 24.38
C HIS A 390 5.42 -19.30 22.99
N VAL A 391 4.49 -19.86 22.24
CA VAL A 391 4.21 -19.31 20.92
C VAL A 391 2.76 -18.89 20.92
N SER A 392 2.51 -17.61 20.67
CA SER A 392 1.14 -17.16 20.67
C SER A 392 0.40 -17.71 19.47
N THR A 393 -0.92 -17.53 19.46
CA THR A 393 -1.74 -18.01 18.35
C THR A 393 -2.88 -17.02 18.14
N GLY A 394 -3.17 -16.25 19.17
CA GLY A 394 -4.25 -15.27 19.07
C GLY A 394 -3.83 -13.95 18.44
N GLY A 395 -3.35 -14.01 17.20
CA GLY A 395 -2.90 -12.85 16.48
C GLY A 395 -3.38 -11.48 16.92
N GLY A 396 -4.41 -10.98 16.25
CA GLY A 396 -4.96 -9.67 16.57
C GLY A 396 -5.05 -9.40 18.06
N ALA A 397 -5.48 -10.40 18.83
CA ALA A 397 -5.61 -10.24 20.28
C ALA A 397 -4.27 -10.01 20.97
N SER A 398 -3.23 -10.70 20.51
CA SER A 398 -1.91 -10.55 21.09
C SER A 398 -1.45 -9.11 21.08
N LEU A 399 -1.28 -8.53 19.90
CA LEU A 399 -0.85 -7.15 19.79
C LEU A 399 -1.84 -6.19 20.44
N GLU A 400 -3.12 -6.54 20.44
CA GLU A 400 -4.11 -5.69 21.09
C GLU A 400 -3.64 -5.54 22.52
N LEU A 401 -3.25 -6.66 23.12
CA LEU A 401 -2.74 -6.64 24.47
C LEU A 401 -1.52 -5.77 24.51
N LEU A 402 -0.43 -6.28 23.93
CA LEU A 402 0.84 -5.57 23.89
C LEU A 402 0.69 -4.10 23.60
N GLU A 403 -0.40 -3.71 22.92
CA GLU A 403 -0.66 -2.31 22.62
C GLU A 403 -1.25 -1.61 23.84
N GLY A 404 -1.31 -2.30 24.96
CA GLY A 404 -1.83 -1.69 26.16
C GLY A 404 -3.35 -1.63 26.28
N LYS A 405 -4.04 -2.14 25.27
CA LYS A 405 -5.50 -2.16 25.27
C LYS A 405 -6.00 -3.42 25.98
N ILE A 406 -7.26 -3.40 26.38
CA ILE A 406 -7.86 -4.55 27.07
C ILE A 406 -8.49 -5.57 26.13
N LEU A 407 -9.03 -6.63 26.72
CA LEU A 407 -9.64 -7.69 25.94
C LEU A 407 -11.01 -8.03 26.49
N PRO A 408 -12.09 -7.58 25.81
CA PRO A 408 -13.47 -7.85 26.26
C PRO A 408 -13.65 -9.32 26.63
N GLY A 409 -13.04 -10.19 25.83
CA GLY A 409 -13.13 -11.62 26.07
C GLY A 409 -12.65 -12.05 27.44
N VAL A 410 -11.53 -11.51 27.90
CA VAL A 410 -11.03 -11.88 29.22
C VAL A 410 -11.73 -11.09 30.31
N GLU A 411 -12.03 -9.82 30.04
CA GLU A 411 -12.73 -9.00 31.02
C GLU A 411 -14.02 -9.71 31.44
N ALA A 412 -14.73 -10.25 30.46
CA ALA A 412 -15.97 -10.95 30.73
C ALA A 412 -15.76 -12.19 31.60
N LEU A 413 -14.52 -12.61 31.80
CA LEU A 413 -14.24 -13.77 32.62
C LEU A 413 -14.53 -13.52 34.11
N SER A 414 -14.69 -14.60 34.88
CA SER A 414 -14.99 -14.49 36.31
C SER A 414 -13.79 -14.15 37.18
N ASN A 415 -13.97 -13.16 38.04
CA ASN A 415 -12.93 -12.72 38.95
C ASN A 415 -12.80 -13.73 40.07
N MET A 416 -11.57 -13.94 40.54
CA MET A 416 -11.32 -14.90 41.61
C MET A 416 -11.27 -14.29 43.00
N ALA B 1 2.76 21.21 2.37
CA ALA B 1 2.76 20.22 1.24
C ALA B 1 1.36 19.69 0.94
N LEU B 2 0.98 19.75 -0.35
CA LEU B 2 -0.32 19.25 -0.77
C LEU B 2 -0.28 17.72 -0.69
N SER B 3 0.67 17.21 0.11
CA SER B 3 0.83 15.78 0.28
C SER B 3 -0.19 15.22 1.26
N ALA B 4 -0.94 16.11 1.93
CA ALA B 4 -1.96 15.73 2.93
C ALA B 4 -3.19 14.96 2.41
N LYS B 5 -3.27 14.77 1.09
CA LYS B 5 -4.40 14.05 0.48
C LYS B 5 -4.37 12.56 0.82
N LEU B 6 -5.53 11.91 0.81
CA LEU B 6 -5.63 10.49 1.13
C LEU B 6 -4.97 9.57 0.08
N THR B 7 -4.20 8.59 0.56
CA THR B 7 -3.52 7.66 -0.33
C THR B 7 -4.03 6.24 -0.23
N LEU B 8 -3.83 5.49 -1.31
CA LEU B 8 -4.24 4.09 -1.37
C LEU B 8 -3.68 3.31 -0.19
N ASP B 9 -2.38 3.47 0.06
CA ASP B 9 -1.75 2.72 1.15
C ASP B 9 -2.35 3.00 2.53
N LYS B 10 -3.22 4.00 2.64
CA LYS B 10 -3.86 4.29 3.91
C LYS B 10 -5.37 4.14 3.78
N VAL B 11 -5.77 3.35 2.78
CA VAL B 11 -7.18 3.05 2.51
C VAL B 11 -7.49 1.65 2.98
N ASP B 12 -8.62 1.47 3.66
CA ASP B 12 -8.98 0.14 4.11
C ASP B 12 -9.85 -0.49 3.03
N LEU B 13 -9.24 -1.42 2.29
CA LEU B 13 -9.93 -2.11 1.22
C LEU B 13 -10.88 -3.13 1.83
N LYS B 14 -10.34 -3.91 2.76
CA LYS B 14 -11.04 -4.96 3.50
C LYS B 14 -12.50 -5.21 3.10
N GLY B 15 -12.69 -6.08 2.11
CA GLY B 15 -14.03 -6.40 1.62
C GLY B 15 -14.72 -5.19 1.04
N LYS B 16 -14.28 -4.74 -0.14
CA LYS B 16 -14.87 -3.56 -0.81
C LYS B 16 -14.75 -3.52 -2.34
N ARG B 17 -15.72 -2.85 -2.96
CA ARG B 17 -15.75 -2.70 -4.41
C ARG B 17 -15.03 -1.41 -4.83
N VAL B 18 -13.84 -1.58 -5.42
CA VAL B 18 -12.98 -0.47 -5.86
C VAL B 18 -13.19 -0.02 -7.31
N ILE B 19 -13.38 1.27 -7.49
CA ILE B 19 -13.50 1.84 -8.83
C ILE B 19 -12.17 2.62 -8.93
N MET B 20 -11.31 2.22 -9.87
CA MET B 20 -9.99 2.83 -10.02
C MET B 20 -9.66 3.33 -11.43
N ARG B 21 -9.34 4.62 -11.55
CA ARG B 21 -8.96 5.21 -12.85
C ARG B 21 -7.49 4.86 -13.11
N VAL B 22 -7.11 4.72 -14.37
CA VAL B 22 -5.74 4.39 -14.68
C VAL B 22 -5.28 4.78 -16.10
N ASP B 23 -3.97 4.64 -16.35
CA ASP B 23 -3.33 4.99 -17.62
C ASP B 23 -3.06 3.77 -18.54
N PHE B 24 -3.99 3.52 -19.46
CA PHE B 24 -3.87 2.41 -20.38
C PHE B 24 -3.85 2.91 -21.82
N ASN B 25 -3.47 4.16 -22.01
CA ASN B 25 -3.42 4.75 -23.34
C ASN B 25 -2.09 4.39 -24.00
N VAL B 26 -1.86 3.08 -24.12
CA VAL B 26 -0.63 2.53 -24.71
C VAL B 26 -0.51 2.78 -26.22
N PRO B 27 0.69 2.57 -26.77
CA PRO B 27 0.96 2.76 -28.20
C PRO B 27 0.35 1.64 -29.04
N MET B 28 -0.04 1.97 -30.27
CA MET B 28 -0.66 1.01 -31.17
C MET B 28 0.01 0.88 -32.54
N LYS B 29 -0.19 -0.28 -33.17
CA LYS B 29 0.35 -0.60 -34.49
C LYS B 29 -0.61 -1.59 -35.17
N ASN B 30 -1.35 -1.10 -36.17
CA ASN B 30 -2.33 -1.94 -36.86
C ASN B 30 -3.21 -2.56 -35.80
N ASN B 31 -3.60 -1.73 -34.82
CA ASN B 31 -4.44 -2.17 -33.70
C ASN B 31 -3.70 -3.23 -32.83
N GLN B 32 -2.43 -2.96 -32.54
CA GLN B 32 -1.60 -3.84 -31.72
C GLN B 32 -0.78 -3.00 -30.75
N ILE B 33 -0.61 -3.53 -29.55
CA ILE B 33 0.12 -2.85 -28.49
C ILE B 33 1.64 -2.75 -28.71
N THR B 34 2.07 -1.59 -29.20
CA THR B 34 3.48 -1.28 -29.42
C THR B 34 4.24 -1.31 -28.08
N ASN B 35 3.71 -0.56 -27.12
CA ASN B 35 4.29 -0.42 -25.80
C ASN B 35 3.24 -0.86 -24.76
N ASN B 36 3.64 -1.70 -23.81
CA ASN B 36 2.71 -2.19 -22.80
C ASN B 36 3.12 -1.78 -21.40
N GLN B 37 4.07 -0.85 -21.30
CA GLN B 37 4.57 -0.42 -20.00
C GLN B 37 3.61 0.38 -19.15
N ARG B 38 2.73 1.15 -19.79
CA ARG B 38 1.78 1.94 -19.01
C ARG B 38 0.87 1.01 -18.21
N ILE B 39 0.66 -0.18 -18.76
CA ILE B 39 -0.20 -1.19 -18.16
C ILE B 39 0.57 -1.87 -17.04
N LYS B 40 1.85 -2.12 -17.24
CA LYS B 40 2.65 -2.77 -16.21
C LYS B 40 2.77 -1.90 -14.97
N ALA B 41 2.71 -0.58 -15.15
CA ALA B 41 2.80 0.35 -14.02
C ALA B 41 1.55 0.34 -13.16
N ALA B 42 0.41 0.00 -13.74
CA ALA B 42 -0.84 -0.04 -13.01
C ALA B 42 -0.93 -1.20 -12.02
N ILE B 43 -0.45 -2.38 -12.44
CA ILE B 43 -0.53 -3.57 -11.60
C ILE B 43 -0.03 -3.43 -10.16
N PRO B 44 1.03 -2.63 -9.93
CA PRO B 44 1.50 -2.50 -8.54
C PRO B 44 0.40 -2.05 -7.60
N SER B 45 -0.45 -1.13 -8.07
CA SER B 45 -1.54 -0.63 -7.26
C SER B 45 -2.65 -1.64 -7.22
N ILE B 46 -3.03 -2.15 -8.40
CA ILE B 46 -4.10 -3.14 -8.50
C ILE B 46 -3.83 -4.32 -7.56
N LYS B 47 -2.59 -4.80 -7.55
CA LYS B 47 -2.22 -5.91 -6.68
C LYS B 47 -2.50 -5.55 -5.23
N HIS B 48 -2.11 -4.36 -4.80
CA HIS B 48 -2.34 -3.94 -3.43
C HIS B 48 -3.80 -4.14 -3.04
N CYS B 49 -4.71 -3.75 -3.94
CA CYS B 49 -6.15 -3.92 -3.68
C CYS B 49 -6.50 -5.37 -3.35
N LEU B 50 -6.32 -6.27 -4.32
CA LEU B 50 -6.62 -7.68 -4.14
C LEU B 50 -5.93 -8.25 -2.89
N ASP B 51 -4.60 -8.25 -2.92
CA ASP B 51 -3.78 -8.77 -1.83
C ASP B 51 -4.05 -8.04 -0.50
N ASN B 52 -5.24 -7.45 -0.37
CA ASN B 52 -5.56 -6.71 0.86
C ASN B 52 -7.04 -6.69 1.28
N GLY B 53 -7.90 -7.42 0.57
CA GLY B 53 -9.30 -7.43 0.93
C GLY B 53 -10.21 -6.83 -0.12
N ALA B 54 -9.62 -6.41 -1.24
CA ALA B 54 -10.42 -5.85 -2.31
C ALA B 54 -11.36 -6.97 -2.73
N LYS B 55 -12.63 -6.64 -2.88
CA LYS B 55 -13.62 -7.63 -3.29
C LYS B 55 -13.55 -7.66 -4.81
N SER B 56 -13.71 -6.49 -5.41
CA SER B 56 -13.65 -6.38 -6.86
C SER B 56 -12.75 -5.19 -7.20
N VAL B 57 -12.35 -5.08 -8.46
CA VAL B 57 -11.52 -3.98 -8.87
C VAL B 57 -12.04 -3.55 -10.22
N VAL B 58 -12.73 -2.42 -10.25
CA VAL B 58 -13.29 -1.89 -11.49
C VAL B 58 -12.27 -0.93 -12.10
N LEU B 59 -11.81 -1.23 -13.31
CA LEU B 59 -10.84 -0.36 -13.93
C LEU B 59 -11.39 0.40 -15.11
N MET B 60 -11.18 1.71 -15.08
CA MET B 60 -11.62 2.55 -16.18
C MET B 60 -10.38 3.34 -16.62
N SER B 61 -10.46 3.94 -17.81
CA SER B 61 -9.39 4.78 -18.36
C SER B 61 -9.75 5.09 -19.80
N HIS B 62 -8.76 5.49 -20.59
CA HIS B 62 -9.02 5.79 -22.00
C HIS B 62 -7.87 5.38 -22.91
N LEU B 63 -8.15 5.39 -24.19
CA LEU B 63 -7.17 5.04 -25.21
C LEU B 63 -7.48 5.81 -26.49
N GLY B 64 -6.44 6.23 -27.19
CA GLY B 64 -6.62 6.95 -28.43
C GLY B 64 -7.42 8.23 -28.34
N ARG B 65 -7.94 8.68 -29.47
CA ARG B 65 -8.72 9.92 -29.52
C ARG B 65 -10.15 9.72 -30.09
N PRO B 66 -11.00 8.92 -29.39
CA PRO B 66 -12.37 8.67 -29.84
C PRO B 66 -13.21 9.96 -29.81
N ASP B 67 -12.75 10.93 -29.03
CA ASP B 67 -13.39 12.23 -28.90
C ASP B 67 -14.85 12.32 -28.48
N GLY B 68 -15.28 11.36 -27.67
CA GLY B 68 -16.66 11.38 -27.19
C GLY B 68 -17.68 10.67 -28.05
N ILE B 69 -17.28 9.59 -28.71
CA ILE B 69 -18.17 8.78 -29.54
C ILE B 69 -17.56 7.37 -29.55
N PRO B 70 -18.39 6.33 -29.55
CA PRO B 70 -17.84 4.97 -29.55
C PRO B 70 -17.05 4.59 -30.82
N MET B 71 -16.05 3.72 -30.65
CA MET B 71 -15.22 3.25 -31.76
C MET B 71 -14.52 1.96 -31.35
N PRO B 72 -15.27 0.84 -31.32
CA PRO B 72 -14.72 -0.48 -30.94
C PRO B 72 -13.63 -0.95 -31.91
N ASP B 73 -13.49 -0.24 -33.02
CA ASP B 73 -12.50 -0.60 -34.01
C ASP B 73 -11.10 -0.42 -33.43
N LYS B 74 -10.51 0.75 -33.67
CA LYS B 74 -9.17 1.05 -33.20
C LYS B 74 -8.98 1.47 -31.74
N TYR B 75 -10.06 1.79 -31.02
CA TYR B 75 -9.90 2.25 -29.65
C TYR B 75 -10.55 1.47 -28.51
N SER B 76 -10.62 0.15 -28.61
CA SER B 76 -11.19 -0.65 -27.55
C SER B 76 -10.10 -1.13 -26.59
N LEU B 77 -10.37 -1.11 -25.29
CA LEU B 77 -9.38 -1.54 -24.32
C LEU B 77 -9.29 -3.06 -24.22
N GLU B 78 -9.73 -3.74 -25.26
CA GLU B 78 -9.68 -5.19 -25.25
C GLU B 78 -8.27 -5.72 -25.39
N PRO B 79 -7.48 -5.15 -26.32
CA PRO B 79 -6.10 -5.60 -26.51
C PRO B 79 -5.45 -5.53 -25.15
N VAL B 80 -5.81 -4.47 -24.43
CA VAL B 80 -5.33 -4.18 -23.10
C VAL B 80 -5.95 -5.18 -22.12
N ALA B 81 -7.26 -5.33 -22.16
CA ALA B 81 -7.95 -6.27 -21.29
C ALA B 81 -7.16 -7.58 -21.38
N ASP B 82 -6.85 -7.97 -22.61
CA ASP B 82 -6.10 -9.18 -22.87
C ASP B 82 -4.70 -9.03 -22.30
N GLU B 83 -3.94 -8.13 -22.90
CA GLU B 83 -2.58 -7.87 -22.46
C GLU B 83 -2.54 -7.83 -20.91
N LEU B 84 -3.51 -7.16 -20.31
CA LEU B 84 -3.59 -7.07 -18.87
C LEU B 84 -3.75 -8.48 -18.32
N LYS B 85 -4.54 -9.30 -19.02
CA LYS B 85 -4.77 -10.67 -18.60
C LYS B 85 -3.50 -11.51 -18.63
N SER B 86 -2.66 -11.30 -19.64
CA SER B 86 -1.44 -12.09 -19.75
C SER B 86 -0.35 -11.66 -18.77
N LEU B 87 -0.31 -10.36 -18.43
CA LEU B 87 0.71 -9.81 -17.53
C LEU B 87 0.58 -10.12 -16.05
N LEU B 88 -0.51 -10.76 -15.66
CA LEU B 88 -0.73 -11.09 -14.27
C LEU B 88 -1.27 -12.50 -14.13
N ASN B 89 -1.15 -13.27 -15.21
CA ASN B 89 -1.63 -14.66 -15.28
C ASN B 89 -2.96 -14.78 -14.56
N LYS B 90 -3.87 -13.89 -14.92
CA LYS B 90 -5.19 -13.85 -14.34
C LYS B 90 -6.16 -13.31 -15.38
N ASP B 91 -7.36 -13.86 -15.39
CA ASP B 91 -8.38 -13.45 -16.32
C ASP B 91 -9.10 -12.17 -15.85
N VAL B 92 -9.18 -11.19 -16.74
CA VAL B 92 -9.83 -9.92 -16.43
C VAL B 92 -11.05 -9.84 -17.35
N ILE B 93 -12.24 -9.74 -16.76
CA ILE B 93 -13.43 -9.68 -17.58
C ILE B 93 -13.72 -8.25 -18.01
N PHE B 94 -13.69 -8.06 -19.33
CA PHE B 94 -13.92 -6.80 -20.01
C PHE B 94 -15.42 -6.50 -20.06
N LEU B 95 -15.78 -5.25 -20.35
CA LEU B 95 -17.18 -4.83 -20.43
C LEU B 95 -17.24 -3.83 -21.58
N LYS B 96 -18.01 -4.11 -22.64
CA LYS B 96 -18.10 -3.20 -23.77
C LYS B 96 -18.62 -1.80 -23.45
N ASP B 97 -18.41 -1.38 -22.22
CA ASP B 97 -18.79 -0.04 -21.78
C ASP B 97 -18.22 0.34 -20.39
N CYS B 98 -18.46 1.58 -19.98
CA CYS B 98 -17.98 2.11 -18.71
C CYS B 98 -19.13 2.66 -17.85
N VAL B 99 -20.28 2.86 -18.50
CA VAL B 99 -21.48 3.37 -17.86
C VAL B 99 -22.70 2.61 -18.38
N GLY B 100 -23.75 2.55 -17.57
CA GLY B 100 -24.94 1.85 -18.00
C GLY B 100 -25.50 0.88 -16.98
N PRO B 101 -26.79 0.50 -17.15
CA PRO B 101 -27.50 -0.43 -16.26
C PRO B 101 -26.71 -1.72 -16.05
N GLU B 102 -26.44 -2.42 -17.15
CA GLU B 102 -25.69 -3.67 -17.11
C GLU B 102 -24.42 -3.54 -16.27
N VAL B 103 -23.43 -2.81 -16.80
CA VAL B 103 -22.14 -2.58 -16.15
C VAL B 103 -22.28 -2.40 -14.65
N GLU B 104 -23.35 -1.74 -14.24
CA GLU B 104 -23.59 -1.50 -12.83
C GLU B 104 -23.80 -2.79 -12.04
N GLN B 105 -24.79 -3.59 -12.42
CA GLN B 105 -25.06 -4.84 -11.71
C GLN B 105 -23.81 -5.73 -11.75
N ALA B 106 -23.13 -5.71 -12.89
CA ALA B 106 -21.92 -6.50 -13.08
C ALA B 106 -20.84 -6.09 -12.08
N CYS B 107 -20.90 -4.83 -11.62
CA CYS B 107 -19.94 -4.33 -10.64
C CYS B 107 -20.66 -4.21 -9.31
N ALA B 108 -21.96 -4.48 -9.33
CA ALA B 108 -22.79 -4.38 -8.13
C ALA B 108 -22.26 -5.25 -6.99
N ASN B 109 -22.02 -6.52 -7.30
CA ASN B 109 -21.52 -7.48 -6.34
C ASN B 109 -20.84 -8.53 -7.20
N PRO B 110 -19.52 -8.44 -7.34
CA PRO B 110 -18.76 -9.39 -8.16
C PRO B 110 -18.24 -10.58 -7.36
N ASP B 111 -17.90 -11.66 -8.07
CA ASP B 111 -17.35 -12.83 -7.41
C ASP B 111 -16.00 -12.40 -6.87
N ASN B 112 -15.97 -12.04 -5.59
CA ASN B 112 -14.77 -11.61 -4.87
C ASN B 112 -13.45 -11.89 -5.63
N GLY B 113 -12.53 -10.93 -5.62
CA GLY B 113 -11.25 -11.08 -6.29
C GLY B 113 -11.29 -10.75 -7.78
N SER B 114 -12.37 -10.12 -8.19
CA SER B 114 -12.53 -9.77 -9.60
C SER B 114 -11.61 -8.67 -10.13
N ILE B 115 -11.56 -8.60 -11.46
CA ILE B 115 -10.77 -7.62 -12.17
C ILE B 115 -11.54 -7.28 -13.45
N ILE B 116 -12.26 -6.16 -13.39
CA ILE B 116 -13.08 -5.70 -14.49
C ILE B 116 -12.45 -4.55 -15.25
N LEU B 117 -12.75 -4.49 -16.54
CA LEU B 117 -12.22 -3.45 -17.38
C LEU B 117 -13.35 -2.85 -18.21
N LEU B 118 -13.68 -1.60 -17.94
CA LEU B 118 -14.76 -0.93 -18.65
C LEU B 118 -14.12 -0.41 -19.94
N GLU B 119 -14.91 -0.32 -21.01
CA GLU B 119 -14.40 0.17 -22.29
C GLU B 119 -13.91 1.62 -22.20
N ASN B 120 -13.18 2.04 -23.22
CA ASN B 120 -12.65 3.39 -23.30
C ASN B 120 -13.66 4.40 -22.74
N LEU B 121 -13.24 5.17 -21.73
CA LEU B 121 -14.09 6.18 -21.09
C LEU B 121 -14.52 7.26 -22.07
N ARG B 122 -13.57 7.70 -22.89
CA ARG B 122 -13.81 8.75 -23.86
C ARG B 122 -14.63 8.31 -25.08
N PHE B 123 -15.39 7.23 -24.88
CA PHE B 123 -16.28 6.72 -25.92
C PHE B 123 -17.56 7.53 -25.80
N HIS B 124 -17.60 8.33 -24.73
CA HIS B 124 -18.71 9.20 -24.42
C HIS B 124 -18.14 10.61 -24.31
N VAL B 125 -18.93 11.61 -24.68
CA VAL B 125 -18.47 12.98 -24.62
C VAL B 125 -18.54 13.52 -23.18
N GLU B 126 -19.35 12.86 -22.35
CA GLU B 126 -19.54 13.25 -20.95
C GLU B 126 -18.26 13.17 -20.14
N GLU B 127 -17.35 12.28 -20.54
CA GLU B 127 -16.06 12.08 -19.87
C GLU B 127 -15.19 13.34 -19.84
N GLU B 128 -15.04 13.99 -20.98
CA GLU B 128 -14.24 15.20 -21.06
C GLU B 128 -15.09 16.45 -20.94
N GLY B 129 -16.40 16.30 -21.16
CA GLY B 129 -17.30 17.43 -21.07
C GLY B 129 -17.57 18.09 -22.41
N LYS B 130 -16.79 17.70 -23.41
CA LYS B 130 -16.92 18.22 -24.76
C LYS B 130 -16.15 17.27 -25.70
N GLY B 131 -16.42 17.34 -27.00
CA GLY B 131 -15.72 16.45 -27.92
C GLY B 131 -15.98 16.77 -29.38
N LYS B 132 -15.79 15.78 -30.24
CA LYS B 132 -16.00 15.96 -31.68
C LYS B 132 -16.57 14.70 -32.31
N ASP B 133 -17.46 14.88 -33.28
CA ASP B 133 -18.09 13.73 -33.93
C ASP B 133 -17.76 13.46 -35.41
N SER B 134 -18.70 12.75 -36.04
CA SER B 134 -18.68 12.28 -37.45
C SER B 134 -18.27 13.23 -38.59
N SER B 135 -18.25 14.54 -38.33
CA SER B 135 -17.89 15.51 -39.36
C SER B 135 -16.97 16.58 -38.80
N GLY B 136 -16.38 16.27 -37.64
CA GLY B 136 -15.52 17.25 -36.98
C GLY B 136 -16.48 18.27 -36.40
N LYS B 137 -17.77 18.02 -36.57
CA LYS B 137 -18.82 18.91 -36.08
C LYS B 137 -18.65 19.38 -34.62
N LYS B 138 -17.61 18.89 -33.93
CA LYS B 138 -17.35 19.26 -32.55
C LYS B 138 -18.62 19.29 -31.71
N ILE B 139 -18.85 18.22 -30.96
CA ILE B 139 -20.03 18.11 -30.11
C ILE B 139 -19.92 19.10 -28.94
N SER B 140 -20.68 18.85 -27.86
CA SER B 140 -20.69 19.70 -26.66
C SER B 140 -21.54 19.05 -25.57
N ALA B 141 -20.91 18.28 -24.69
CA ALA B 141 -21.62 17.57 -23.61
C ALA B 141 -22.62 18.40 -22.82
N ASP B 142 -23.84 17.87 -22.70
CA ASP B 142 -24.93 18.50 -21.97
C ASP B 142 -24.92 18.00 -20.52
N PRO B 143 -24.98 18.94 -19.55
CA PRO B 143 -24.96 18.70 -18.10
C PRO B 143 -25.84 17.57 -17.55
N ALA B 144 -27.02 17.36 -18.14
CA ALA B 144 -27.90 16.30 -17.66
C ALA B 144 -27.23 14.95 -17.80
N LYS B 145 -26.58 14.76 -18.94
CA LYS B 145 -25.90 13.53 -19.22
C LYS B 145 -24.57 13.40 -18.48
N VAL B 146 -23.84 14.51 -18.33
CA VAL B 146 -22.56 14.43 -17.61
C VAL B 146 -22.85 14.20 -16.14
N GLU B 147 -24.14 14.15 -15.81
CA GLU B 147 -24.58 13.94 -14.44
C GLU B 147 -24.88 12.46 -14.21
N ALA B 148 -25.51 11.84 -15.21
CA ALA B 148 -25.84 10.41 -15.13
C ALA B 148 -24.53 9.62 -15.25
N PHE B 149 -23.77 9.95 -16.28
CA PHE B 149 -22.47 9.32 -16.54
C PHE B 149 -21.61 9.36 -15.27
N ARG B 150 -21.78 10.40 -14.45
CA ARG B 150 -21.00 10.51 -13.23
C ARG B 150 -21.57 9.65 -12.11
N ALA B 151 -22.89 9.59 -12.04
CA ALA B 151 -23.57 8.79 -11.03
C ALA B 151 -23.34 7.31 -11.36
N SER B 152 -23.42 6.99 -12.65
CA SER B 152 -23.24 5.63 -13.14
C SER B 152 -21.84 5.09 -12.74
N LEU B 153 -20.80 5.88 -12.97
CA LEU B 153 -19.44 5.48 -12.60
C LEU B 153 -19.36 5.25 -11.12
N SER B 154 -19.88 6.21 -10.36
CA SER B 154 -19.87 6.18 -8.90
C SER B 154 -20.50 4.93 -8.29
N LYS B 155 -21.40 4.30 -9.04
CA LYS B 155 -22.08 3.13 -8.54
C LYS B 155 -21.34 1.82 -8.81
N LEU B 156 -20.12 1.92 -9.35
CA LEU B 156 -19.31 0.75 -9.67
C LEU B 156 -18.37 0.41 -8.52
N GLY B 157 -18.17 1.38 -7.62
CA GLY B 157 -17.30 1.15 -6.49
C GLY B 157 -17.82 1.83 -5.25
N ASP B 158 -17.04 1.78 -4.19
CA ASP B 158 -17.38 2.42 -2.92
C ASP B 158 -16.23 3.35 -2.58
N VAL B 159 -15.01 2.90 -2.87
CA VAL B 159 -13.83 3.72 -2.68
C VAL B 159 -13.30 3.93 -4.08
N TYR B 160 -13.04 5.18 -4.43
CA TYR B 160 -12.52 5.55 -5.75
C TYR B 160 -11.02 5.75 -5.64
N VAL B 161 -10.28 5.33 -6.65
CA VAL B 161 -8.83 5.53 -6.64
C VAL B 161 -8.37 6.11 -7.98
N ASN B 162 -7.72 7.26 -7.89
CA ASN B 162 -7.22 7.94 -9.06
C ASN B 162 -5.73 7.65 -9.14
N ASP B 163 -5.34 6.93 -10.19
CA ASP B 163 -3.94 6.57 -10.38
C ASP B 163 -3.54 7.08 -11.74
N ALA B 164 -4.31 8.05 -12.24
CA ALA B 164 -4.03 8.63 -13.53
C ALA B 164 -3.54 10.06 -13.41
N PHE B 165 -2.34 10.20 -12.85
CA PHE B 165 -1.72 11.51 -12.68
C PHE B 165 -1.73 12.27 -14.02
N GLY B 166 -1.41 11.56 -15.10
CA GLY B 166 -1.37 12.14 -16.43
C GLY B 166 -2.64 12.81 -16.94
N THR B 167 -3.68 12.86 -16.11
CA THR B 167 -4.92 13.50 -16.53
C THR B 167 -5.42 14.43 -15.43
N ALA B 168 -4.80 14.32 -14.26
CA ALA B 168 -5.18 15.13 -13.11
C ALA B 168 -5.26 16.64 -13.34
N HIS B 169 -4.65 17.14 -14.40
CA HIS B 169 -4.70 18.56 -14.69
C HIS B 169 -6.01 18.91 -15.38
N ARG B 170 -6.78 17.87 -15.72
CA ARG B 170 -8.06 18.09 -16.40
C ARG B 170 -9.26 17.68 -15.54
N ALA B 171 -10.30 18.52 -15.59
CA ALA B 171 -11.54 18.30 -14.84
C ALA B 171 -12.50 17.37 -15.58
N HIS B 172 -12.07 16.13 -15.76
CA HIS B 172 -12.90 15.14 -16.43
C HIS B 172 -13.61 14.28 -15.39
N SER B 173 -14.61 13.56 -15.85
CA SER B 173 -15.43 12.73 -14.99
C SER B 173 -14.63 11.65 -14.26
N SER B 174 -13.62 11.11 -14.91
CA SER B 174 -12.82 10.08 -14.25
C SER B 174 -11.75 10.72 -13.35
N MET B 175 -11.73 12.05 -13.30
CA MET B 175 -10.77 12.80 -12.46
C MET B 175 -11.46 13.54 -11.32
N VAL B 176 -12.65 14.07 -11.55
CA VAL B 176 -13.39 14.82 -10.52
C VAL B 176 -14.89 14.49 -10.40
N GLY B 177 -15.34 13.47 -11.12
CA GLY B 177 -16.75 13.12 -11.06
C GLY B 177 -17.17 11.98 -10.13
N VAL B 178 -16.22 11.13 -9.74
CA VAL B 178 -16.55 10.01 -8.87
C VAL B 178 -16.79 10.49 -7.45
N ASN B 179 -18.04 10.43 -7.02
CA ASN B 179 -18.46 10.89 -5.70
C ASN B 179 -18.59 9.74 -4.71
N LEU B 180 -17.53 9.45 -3.98
CA LEU B 180 -17.57 8.39 -2.99
C LEU B 180 -16.89 8.97 -1.77
N PRO B 181 -17.18 8.42 -0.59
CA PRO B 181 -16.55 8.98 0.61
C PRO B 181 -15.02 9.04 0.50
N GLN B 182 -14.38 7.88 0.30
CA GLN B 182 -12.94 7.82 0.21
C GLN B 182 -12.34 7.79 -1.19
N LYS B 183 -11.82 8.94 -1.60
CA LYS B 183 -11.19 9.13 -2.90
C LYS B 183 -9.68 9.28 -2.66
N ALA B 184 -8.90 8.28 -3.05
CA ALA B 184 -7.46 8.32 -2.83
C ALA B 184 -6.61 8.00 -4.05
N SER B 185 -5.42 8.60 -4.09
CA SER B 185 -4.49 8.41 -5.19
C SER B 185 -3.90 6.99 -5.22
N GLY B 186 -3.51 6.54 -6.41
CA GLY B 186 -2.92 5.23 -6.54
C GLY B 186 -1.43 5.28 -6.25
N PHE B 187 -0.81 4.11 -6.12
CA PHE B 187 0.64 4.01 -5.87
C PHE B 187 1.43 4.86 -6.84
N LEU B 188 0.91 4.97 -8.05
CA LEU B 188 1.56 5.71 -9.13
C LEU B 188 1.41 7.23 -9.06
N MET B 189 0.27 7.71 -8.62
CA MET B 189 0.07 9.16 -8.53
C MET B 189 0.83 9.71 -7.34
N LYS B 190 0.94 8.90 -6.28
CA LYS B 190 1.66 9.30 -5.08
C LYS B 190 3.13 9.58 -5.41
N LYS B 191 3.76 8.68 -6.17
CA LYS B 191 5.14 8.85 -6.55
C LYS B 191 5.27 10.24 -7.16
N GLU B 192 4.40 10.53 -8.12
CA GLU B 192 4.39 11.79 -8.83
C GLU B 192 4.19 12.93 -7.83
N LEU B 193 3.06 12.93 -7.16
CA LEU B 193 2.78 13.96 -6.16
C LEU B 193 3.94 14.12 -5.19
N ASP B 194 4.44 13.00 -4.66
CA ASP B 194 5.52 13.07 -3.70
C ASP B 194 6.77 13.75 -4.20
N TYR B 195 7.32 13.28 -5.32
CA TYR B 195 8.51 13.86 -5.91
C TYR B 195 8.33 15.34 -6.25
N PHE B 196 7.27 15.64 -6.99
CA PHE B 196 6.98 17.01 -7.38
C PHE B 196 6.83 17.92 -6.15
N SER B 197 6.19 17.41 -5.11
CA SER B 197 6.00 18.22 -3.93
C SER B 197 7.34 18.50 -3.31
N LYS B 198 8.19 17.49 -3.31
CA LYS B 198 9.51 17.62 -2.72
C LYS B 198 10.28 18.75 -3.35
N ALA B 199 10.46 18.68 -4.66
CA ALA B 199 11.22 19.70 -5.35
C ALA B 199 10.60 21.06 -5.22
N LEU B 200 9.28 21.12 -5.07
CA LEU B 200 8.64 22.41 -4.96
C LEU B 200 8.55 22.99 -3.55
N GLU B 201 8.78 22.18 -2.54
CA GLU B 201 8.70 22.68 -1.18
C GLU B 201 9.98 22.59 -0.36
N LYS B 202 10.54 21.39 -0.26
CA LYS B 202 11.78 21.17 0.47
C LYS B 202 12.75 20.54 -0.52
N PRO B 203 13.19 21.32 -1.51
CA PRO B 203 14.12 20.80 -2.51
C PRO B 203 15.54 20.67 -2.01
N GLU B 204 16.19 19.58 -2.41
CA GLU B 204 17.57 19.40 -2.03
C GLU B 204 18.25 20.57 -2.75
N ARG B 205 19.46 20.93 -2.34
CA ARG B 205 20.13 22.05 -2.98
C ARG B 205 21.65 21.84 -3.13
N PRO B 206 22.26 22.47 -4.14
CA PRO B 206 21.70 23.35 -5.18
C PRO B 206 20.68 22.70 -6.10
N PHE B 207 19.55 23.40 -6.27
CA PHE B 207 18.44 22.93 -7.12
C PHE B 207 18.62 23.41 -8.56
N LEU B 208 18.78 22.48 -9.48
CA LEU B 208 18.93 22.84 -10.88
C LEU B 208 17.72 22.38 -11.66
N ALA B 209 17.27 23.25 -12.54
CA ALA B 209 16.13 22.99 -13.39
C ALA B 209 16.56 23.20 -14.83
N ILE B 210 16.35 22.18 -15.64
CA ILE B 210 16.68 22.28 -17.06
C ILE B 210 15.31 22.34 -17.71
N LEU B 211 15.00 23.46 -18.34
CA LEU B 211 13.69 23.62 -18.96
C LEU B 211 13.82 23.81 -20.45
N GLY B 212 13.34 22.83 -21.18
CA GLY B 212 13.38 22.87 -22.63
C GLY B 212 12.06 23.43 -23.09
N GLY B 213 12.01 23.91 -24.32
CA GLY B 213 10.76 24.45 -24.80
C GLY B 213 10.93 25.01 -26.19
N ALA B 214 9.84 25.16 -26.92
CA ALA B 214 9.96 25.68 -28.26
C ALA B 214 9.50 27.13 -28.29
N LYS B 215 8.49 27.44 -27.49
CA LYS B 215 7.92 28.78 -27.44
C LYS B 215 7.90 29.44 -26.06
N VAL B 216 8.55 30.59 -25.98
CA VAL B 216 8.64 31.35 -24.75
C VAL B 216 7.33 31.62 -24.02
N LYS B 217 6.31 32.11 -24.72
CA LYS B 217 5.03 32.42 -24.07
C LYS B 217 4.39 31.23 -23.35
N ASP B 218 4.71 30.03 -23.79
CA ASP B 218 4.17 28.82 -23.17
C ASP B 218 4.97 28.36 -21.97
N LYS B 219 6.20 28.84 -21.86
CA LYS B 219 7.09 28.43 -20.78
C LYS B 219 7.30 29.51 -19.72
N ILE B 220 6.83 30.72 -20.00
CA ILE B 220 7.00 31.87 -19.10
C ILE B 220 6.63 31.66 -17.64
N GLN B 221 5.42 31.17 -17.38
CA GLN B 221 5.01 30.95 -16.01
C GLN B 221 5.81 29.85 -15.39
N LEU B 222 6.07 28.80 -16.18
CA LEU B 222 6.86 27.70 -15.69
C LEU B 222 8.20 28.27 -15.24
N ILE B 223 8.84 29.06 -16.10
CA ILE B 223 10.13 29.63 -15.74
C ILE B 223 10.05 30.54 -14.52
N LYS B 224 9.09 31.46 -14.54
CA LYS B 224 8.92 32.37 -13.43
C LYS B 224 8.76 31.63 -12.10
N ASN B 225 7.84 30.68 -12.05
CA ASN B 225 7.59 29.94 -10.82
C ASN B 225 8.80 29.15 -10.38
N MET B 226 9.51 28.56 -11.32
CA MET B 226 10.73 27.81 -10.98
C MET B 226 11.83 28.76 -10.48
N LEU B 227 11.72 30.04 -10.85
CA LEU B 227 12.72 31.01 -10.42
C LEU B 227 12.68 31.26 -8.92
N ASP B 228 11.59 30.86 -8.29
CA ASP B 228 11.42 31.03 -6.86
C ASP B 228 12.03 29.89 -6.05
N LYS B 229 12.19 28.72 -6.66
CA LYS B 229 12.74 27.57 -5.93
C LYS B 229 14.14 27.08 -6.33
N VAL B 230 14.64 27.50 -7.48
CA VAL B 230 15.93 27.00 -7.93
C VAL B 230 17.13 27.88 -7.70
N ASN B 231 18.31 27.29 -7.91
CA ASN B 231 19.57 28.00 -7.77
C ASN B 231 20.18 28.23 -9.15
N PHE B 232 20.02 27.25 -10.04
CA PHE B 232 20.51 27.35 -11.41
C PHE B 232 19.38 26.96 -12.34
N MET B 233 19.54 27.29 -13.62
CA MET B 233 18.55 26.97 -14.63
C MET B 233 19.19 27.04 -15.98
N ILE B 234 18.92 26.03 -16.81
CA ILE B 234 19.43 25.94 -18.16
C ILE B 234 18.20 26.01 -19.07
N ILE B 235 18.20 26.99 -19.97
CA ILE B 235 17.10 27.17 -20.90
C ILE B 235 17.51 26.56 -22.20
N GLY B 236 16.74 25.58 -22.65
CA GLY B 236 17.04 24.90 -23.89
C GLY B 236 15.86 24.91 -24.82
N GLY B 237 15.95 24.17 -25.93
CA GLY B 237 14.87 24.13 -26.89
C GLY B 237 14.96 25.32 -27.82
N GLY B 238 13.89 25.60 -28.55
CA GLY B 238 13.88 26.72 -29.47
C GLY B 238 13.63 28.06 -28.82
N MET B 239 13.07 28.05 -27.61
CA MET B 239 12.80 29.28 -26.89
C MET B 239 14.13 29.88 -26.52
N ALA B 240 15.18 29.05 -26.46
CA ALA B 240 16.51 29.51 -26.11
C ALA B 240 16.99 30.63 -27.02
N TYR B 241 16.67 30.52 -28.31
CA TYR B 241 17.10 31.50 -29.28
C TYR B 241 16.41 32.83 -29.08
N THR B 242 15.15 32.80 -28.63
CA THR B 242 14.45 34.06 -28.40
C THR B 242 15.24 34.86 -27.36
N PHE B 243 15.90 34.15 -26.46
CA PHE B 243 16.69 34.83 -25.44
C PHE B 243 17.98 35.30 -26.08
N LEU B 244 18.75 34.35 -26.58
CA LEU B 244 20.02 34.67 -27.21
C LEU B 244 19.82 35.81 -28.20
N LYS B 245 18.69 35.80 -28.90
CA LYS B 245 18.42 36.85 -29.87
C LYS B 245 18.26 38.19 -29.19
N GLU B 246 17.58 38.20 -28.05
CA GLU B 246 17.33 39.42 -27.29
C GLU B 246 18.39 39.71 -26.24
N LEU B 247 19.37 38.83 -26.09
CA LEU B 247 20.39 39.07 -25.10
C LEU B 247 21.77 39.34 -25.66
N LYS B 248 22.04 38.87 -26.87
CA LYS B 248 23.33 39.11 -27.50
C LYS B 248 23.10 39.58 -28.92
N ASN B 249 21.86 39.94 -29.23
CA ASN B 249 21.51 40.40 -30.57
C ASN B 249 22.04 39.36 -31.57
N MET B 250 21.80 38.09 -31.26
CA MET B 250 22.27 37.02 -32.11
C MET B 250 21.30 36.79 -33.27
N GLN B 251 21.84 36.47 -34.44
CA GLN B 251 20.99 36.19 -35.60
C GLN B 251 20.76 34.69 -35.59
N ILE B 252 19.49 34.30 -35.68
CA ILE B 252 19.13 32.89 -35.64
C ILE B 252 18.64 32.36 -36.99
N GLY B 253 19.11 32.99 -38.07
CA GLY B 253 18.72 32.56 -39.39
C GLY B 253 17.21 32.54 -39.50
N ALA B 254 16.62 31.35 -39.50
CA ALA B 254 15.17 31.24 -39.61
C ALA B 254 14.50 30.61 -38.39
N SER B 255 15.26 30.40 -37.33
CA SER B 255 14.71 29.80 -36.12
C SER B 255 13.53 30.66 -35.67
N LEU B 256 12.53 30.03 -35.06
CA LEU B 256 11.35 30.76 -34.59
C LEU B 256 11.71 31.70 -33.41
N PHE B 257 10.86 32.69 -33.17
CA PHE B 257 11.04 33.66 -32.09
C PHE B 257 9.67 34.24 -31.68
N ASP B 258 9.54 34.70 -30.44
CA ASP B 258 8.28 35.32 -29.97
C ASP B 258 8.41 36.83 -30.20
N GLU B 259 7.71 37.37 -31.18
CA GLU B 259 7.79 38.81 -31.47
C GLU B 259 7.66 39.63 -30.17
N GLU B 260 6.99 39.05 -29.19
CA GLU B 260 6.76 39.67 -27.88
C GLU B 260 7.87 39.32 -26.91
N GLY B 261 8.82 38.52 -27.38
CA GLY B 261 9.93 38.07 -26.55
C GLY B 261 10.78 39.17 -25.96
N ALA B 262 11.13 40.16 -26.76
CA ALA B 262 11.95 41.25 -26.26
C ALA B 262 11.51 41.59 -24.84
N THR B 263 10.20 41.78 -24.68
CA THR B 263 9.62 42.14 -23.39
C THR B 263 9.55 40.97 -22.44
N ILE B 264 9.03 39.84 -22.93
CA ILE B 264 8.94 38.67 -22.08
C ILE B 264 10.30 38.41 -21.43
N VAL B 265 11.31 38.16 -22.24
CA VAL B 265 12.66 37.91 -21.74
C VAL B 265 13.13 38.98 -20.75
N LYS B 266 12.57 40.18 -20.82
CA LYS B 266 12.98 41.21 -19.88
C LYS B 266 12.71 40.66 -18.49
N GLU B 267 11.42 40.47 -18.20
CA GLU B 267 10.95 39.93 -16.92
C GLU B 267 11.77 38.75 -16.42
N ILE B 268 11.69 37.64 -17.15
CA ILE B 268 12.39 36.42 -16.77
C ILE B 268 13.77 36.79 -16.26
N MET B 269 14.50 37.57 -17.06
CA MET B 269 15.84 38.02 -16.69
C MET B 269 15.83 38.89 -15.43
N GLU B 270 14.89 39.83 -15.39
CA GLU B 270 14.76 40.73 -14.26
C GLU B 270 14.47 39.96 -12.98
N LYS B 271 13.63 38.93 -13.08
CA LYS B 271 13.31 38.12 -11.90
C LYS B 271 14.47 37.22 -11.47
N ALA B 272 15.29 36.80 -12.41
CA ALA B 272 16.43 35.95 -12.09
C ALA B 272 17.52 36.73 -11.37
N GLU B 273 17.43 38.05 -11.45
CA GLU B 273 18.38 38.92 -10.77
C GLU B 273 17.92 39.03 -9.32
N LYS B 274 16.67 39.45 -9.17
CA LYS B 274 16.06 39.59 -7.84
C LYS B 274 16.35 38.32 -7.05
N ASN B 275 15.84 37.19 -7.51
CA ASN B 275 16.04 35.91 -6.82
C ASN B 275 17.45 35.33 -6.88
N GLY B 276 18.39 36.09 -7.44
CA GLY B 276 19.76 35.60 -7.54
C GLY B 276 19.83 34.18 -8.10
N VAL B 277 19.67 34.07 -9.42
CA VAL B 277 19.70 32.77 -10.08
C VAL B 277 20.62 32.76 -11.30
N LYS B 278 21.68 31.97 -11.27
CA LYS B 278 22.59 31.91 -12.41
C LYS B 278 22.01 31.05 -13.52
N ILE B 279 21.63 31.69 -14.62
CA ILE B 279 21.08 30.98 -15.75
C ILE B 279 22.22 30.58 -16.67
N VAL B 280 21.91 29.84 -17.72
CA VAL B 280 22.91 29.42 -18.68
C VAL B 280 22.15 29.16 -19.96
N PHE B 281 22.81 29.39 -21.08
CA PHE B 281 22.18 29.17 -22.37
C PHE B 281 23.11 28.39 -23.28
N PRO B 282 22.61 28.01 -24.46
CA PRO B 282 23.50 27.28 -25.37
C PRO B 282 24.59 28.28 -25.76
N VAL B 283 25.76 27.78 -26.14
CA VAL B 283 26.85 28.65 -26.56
C VAL B 283 27.17 28.36 -28.03
N ASP B 284 26.90 27.13 -28.43
CA ASP B 284 27.10 26.65 -29.80
C ASP B 284 25.93 25.74 -30.16
N PHE B 285 25.71 25.49 -31.45
CA PHE B 285 24.59 24.64 -31.82
C PHE B 285 24.78 23.84 -33.11
N VAL B 286 23.91 22.85 -33.30
CA VAL B 286 23.90 22.02 -34.48
C VAL B 286 22.75 22.60 -35.29
N THR B 287 23.01 22.97 -36.54
CA THR B 287 21.98 23.56 -37.39
C THR B 287 21.57 22.64 -38.53
N GLY B 288 20.46 22.99 -39.17
CA GLY B 288 19.93 22.24 -40.30
C GLY B 288 19.43 23.21 -41.33
N ASP B 289 19.47 22.84 -42.61
CA ASP B 289 19.01 23.75 -43.67
C ASP B 289 17.49 23.79 -43.81
N LYS B 290 16.82 23.01 -42.98
CA LYS B 290 15.36 22.95 -42.95
C LYS B 290 14.91 22.05 -41.81
N PHE B 291 13.63 22.10 -41.50
CA PHE B 291 13.07 21.31 -40.41
C PHE B 291 12.73 19.90 -40.89
N ASP B 292 13.75 19.08 -41.06
CA ASP B 292 13.55 17.71 -41.48
C ASP B 292 14.63 16.86 -40.84
N GLU B 293 14.29 15.62 -40.52
CA GLU B 293 15.22 14.69 -39.91
C GLU B 293 16.45 14.57 -40.79
N ASN B 294 16.22 14.55 -42.11
CA ASN B 294 17.32 14.41 -43.05
C ASN B 294 17.77 15.69 -43.70
N ALA B 295 17.69 16.78 -42.96
CA ALA B 295 18.13 18.08 -43.45
C ALA B 295 19.66 18.07 -43.38
N LYS B 296 20.29 19.10 -43.93
CA LYS B 296 21.74 19.19 -43.88
C LYS B 296 22.18 19.66 -42.51
N VAL B 297 23.17 19.02 -41.93
CA VAL B 297 23.63 19.39 -40.59
C VAL B 297 24.94 20.18 -40.57
N GLY B 298 24.85 21.39 -40.02
CA GLY B 298 26.00 22.28 -39.91
C GLY B 298 26.17 22.73 -38.48
N GLN B 299 27.18 23.56 -38.23
CA GLN B 299 27.45 24.03 -36.87
C GLN B 299 27.26 25.54 -36.80
N ALA B 300 27.21 26.08 -35.58
CA ALA B 300 27.03 27.51 -35.35
C ALA B 300 27.27 27.91 -33.89
N THR B 301 27.96 29.03 -33.69
CA THR B 301 28.28 29.53 -32.36
C THR B 301 27.49 30.82 -32.15
N ILE B 302 27.47 31.35 -30.93
CA ILE B 302 26.76 32.61 -30.73
C ILE B 302 27.50 33.72 -31.50
N GLU B 303 28.83 33.63 -31.55
CA GLU B 303 29.66 34.61 -32.26
C GLU B 303 29.85 34.20 -33.72
N SER B 304 28.75 34.21 -34.47
CA SER B 304 28.76 33.85 -35.87
C SER B 304 27.29 33.73 -36.24
N GLY B 305 26.49 33.27 -35.28
CA GLY B 305 25.08 33.12 -35.50
C GLY B 305 24.71 32.02 -36.47
N ILE B 306 23.40 31.84 -36.63
CA ILE B 306 22.84 30.85 -37.51
C ILE B 306 22.70 31.55 -38.85
N PRO B 307 23.10 30.90 -39.94
CA PRO B 307 22.97 31.57 -41.23
C PRO B 307 21.56 31.71 -41.77
N SER B 308 21.35 32.77 -42.54
CA SER B 308 20.07 33.02 -43.16
C SER B 308 19.82 31.75 -43.96
N GLY B 309 18.68 31.12 -43.73
CA GLY B 309 18.34 29.91 -44.44
C GLY B 309 18.37 28.71 -43.52
N TRP B 310 19.15 28.80 -42.43
CA TRP B 310 19.27 27.70 -41.48
C TRP B 310 18.56 27.96 -40.17
N MET B 311 18.35 26.89 -39.42
CA MET B 311 17.67 26.98 -38.13
C MET B 311 18.38 26.02 -37.18
N GLY B 312 18.50 26.42 -35.93
CA GLY B 312 19.17 25.57 -34.95
C GLY B 312 18.22 24.57 -34.33
N LEU B 313 18.69 23.33 -34.17
CA LEU B 313 17.86 22.26 -33.62
C LEU B 313 18.49 21.46 -32.47
N ASP B 314 19.65 21.88 -32.00
CA ASP B 314 20.31 21.16 -30.91
C ASP B 314 21.52 21.97 -30.44
N CYS B 315 21.88 21.80 -29.16
CA CYS B 315 23.03 22.51 -28.61
C CYS B 315 24.33 21.84 -29.04
N GLY B 316 25.41 22.61 -29.02
CA GLY B 316 26.69 22.09 -29.47
C GLY B 316 27.57 21.41 -28.45
N PRO B 317 28.76 20.99 -28.88
CA PRO B 317 29.77 20.30 -28.05
C PRO B 317 30.24 21.15 -26.89
N GLU B 318 30.24 22.46 -27.10
CA GLU B 318 30.68 23.39 -26.06
C GLU B 318 29.60 23.46 -25.00
N SER B 319 28.37 23.56 -25.45
CA SER B 319 27.23 23.60 -24.57
C SER B 319 27.26 22.30 -23.74
N ILE B 320 27.37 21.18 -24.45
CA ILE B 320 27.40 19.88 -23.80
C ILE B 320 28.34 19.82 -22.61
N LYS B 321 29.56 20.34 -22.79
CA LYS B 321 30.55 20.33 -21.70
C LYS B 321 29.99 21.11 -20.52
N ILE B 322 29.49 22.31 -20.80
CA ILE B 322 28.94 23.16 -19.76
C ILE B 322 27.81 22.55 -18.98
N ASN B 323 26.87 21.91 -19.67
CA ASN B 323 25.77 21.28 -18.94
C ASN B 323 26.36 20.26 -17.98
N ALA B 324 27.31 19.45 -18.47
CA ALA B 324 27.93 18.45 -17.63
C ALA B 324 28.45 19.15 -16.38
N GLN B 325 29.09 20.31 -16.60
CA GLN B 325 29.64 21.15 -15.54
C GLN B 325 28.61 21.49 -14.48
N ILE B 326 27.46 21.98 -14.91
CA ILE B 326 26.41 22.36 -13.97
C ILE B 326 25.65 21.22 -13.33
N VAL B 327 25.42 20.14 -14.08
CA VAL B 327 24.72 18.98 -13.57
C VAL B 327 25.51 18.37 -12.41
N ALA B 328 26.83 18.50 -12.50
CA ALA B 328 27.73 17.99 -11.47
C ALA B 328 27.79 18.94 -10.27
N GLN B 329 26.83 19.84 -10.16
CA GLN B 329 26.83 20.76 -9.02
C GLN B 329 25.50 20.80 -8.31
N ALA B 330 24.54 20.07 -8.86
CA ALA B 330 23.19 20.03 -8.31
C ALA B 330 22.89 18.76 -7.51
N LYS B 331 22.01 18.89 -6.53
CA LYS B 331 21.59 17.75 -5.71
C LYS B 331 20.19 17.36 -6.12
N LEU B 332 19.50 18.30 -6.76
CA LEU B 332 18.16 18.06 -7.26
C LEU B 332 18.10 18.61 -8.67
N ILE B 333 17.54 17.82 -9.57
CA ILE B 333 17.42 18.26 -10.93
C ILE B 333 16.04 17.97 -11.45
N VAL B 334 15.44 18.95 -12.07
CA VAL B 334 14.15 18.75 -12.69
C VAL B 334 14.37 19.13 -14.13
N TRP B 335 14.22 18.14 -15.00
CA TRP B 335 14.39 18.36 -16.42
C TRP B 335 13.02 18.23 -17.08
N ASN B 336 12.46 19.35 -17.48
CA ASN B 336 11.17 19.32 -18.13
C ASN B 336 11.21 20.10 -19.42
N GLY B 337 11.18 19.39 -20.54
CA GLY B 337 11.22 20.04 -21.83
C GLY B 337 12.46 19.58 -22.58
N PRO B 338 12.40 19.52 -23.91
CA PRO B 338 13.53 19.10 -24.75
C PRO B 338 14.56 20.20 -25.02
N ILE B 339 15.81 19.77 -25.21
CA ILE B 339 16.91 20.68 -25.50
C ILE B 339 17.17 20.71 -27.01
N GLY B 340 16.56 19.75 -27.72
CA GLY B 340 16.69 19.64 -29.16
C GLY B 340 15.72 18.58 -29.66
N VAL B 341 15.65 18.39 -30.98
CA VAL B 341 14.76 17.37 -31.53
C VAL B 341 15.46 16.03 -31.45
N PHE B 342 15.70 15.55 -30.23
CA PHE B 342 16.37 14.29 -30.03
C PHE B 342 15.75 13.15 -30.84
N GLU B 343 14.55 13.38 -31.38
CA GLU B 343 13.91 12.33 -32.17
C GLU B 343 14.66 12.07 -33.48
N TRP B 344 15.59 12.97 -33.85
CA TRP B 344 16.39 12.82 -35.06
C TRP B 344 17.85 12.62 -34.65
N ASP B 345 18.48 11.53 -35.12
CA ASP B 345 19.86 11.22 -34.76
C ASP B 345 20.89 12.35 -34.84
N ALA B 346 20.82 13.14 -35.90
CA ALA B 346 21.74 14.26 -36.08
C ALA B 346 21.51 15.44 -35.14
N PHE B 347 20.45 15.37 -34.33
CA PHE B 347 20.10 16.45 -33.40
C PHE B 347 19.71 15.92 -32.02
N ALA B 348 20.33 14.83 -31.60
CA ALA B 348 20.01 14.22 -30.32
C ALA B 348 21.25 14.06 -29.45
N LYS B 349 22.42 14.19 -30.06
CA LYS B 349 23.66 14.04 -29.32
C LYS B 349 23.68 14.94 -28.06
N GLY B 350 23.22 16.17 -28.18
CA GLY B 350 23.24 17.08 -27.04
C GLY B 350 22.24 16.69 -25.96
N THR B 351 21.06 16.25 -26.41
CA THR B 351 19.97 15.83 -25.53
C THR B 351 20.35 14.53 -24.81
N LYS B 352 21.18 13.71 -25.45
CA LYS B 352 21.61 12.45 -24.86
C LYS B 352 22.80 12.68 -23.94
N ALA B 353 23.70 13.54 -24.35
CA ALA B 353 24.87 13.84 -23.54
C ALA B 353 24.40 14.25 -22.14
N LEU B 354 23.38 15.09 -22.09
CA LEU B 354 22.83 15.55 -20.83
C LEU B 354 22.17 14.42 -20.04
N MET B 355 21.55 13.48 -20.75
CA MET B 355 20.90 12.36 -20.08
C MET B 355 21.90 11.38 -19.47
N ASP B 356 23.17 11.52 -19.81
CA ASP B 356 24.21 10.65 -19.27
C ASP B 356 24.69 11.33 -18.00
N GLU B 357 24.84 12.64 -18.08
CA GLU B 357 25.30 13.38 -16.92
C GLU B 357 24.28 13.25 -15.81
N VAL B 358 23.01 13.17 -16.17
CA VAL B 358 21.97 13.07 -15.17
C VAL B 358 21.91 11.67 -14.56
N VAL B 359 22.08 10.65 -15.38
CA VAL B 359 22.06 9.29 -14.87
C VAL B 359 23.31 9.12 -13.98
N LYS B 360 24.31 9.97 -14.22
CA LYS B 360 25.56 9.96 -13.47
C LYS B 360 25.38 10.66 -12.13
N ALA B 361 24.96 11.92 -12.17
CA ALA B 361 24.75 12.68 -10.95
C ALA B 361 23.79 11.91 -10.04
N THR B 362 22.91 11.13 -10.66
CA THR B 362 21.94 10.33 -9.92
C THR B 362 22.59 9.21 -9.15
N SER B 363 23.54 8.53 -9.78
CA SER B 363 24.22 7.45 -9.10
C SER B 363 25.02 8.07 -7.95
N ASN B 364 25.45 9.31 -8.13
CA ASN B 364 26.24 9.98 -7.11
C ASN B 364 25.47 10.79 -6.04
N GLY B 365 24.19 10.48 -5.85
CA GLY B 365 23.41 11.16 -4.83
C GLY B 365 22.53 12.35 -5.17
N CYS B 366 22.41 12.68 -6.45
CA CYS B 366 21.57 13.80 -6.83
C CYS B 366 20.18 13.30 -7.17
N VAL B 367 19.15 13.88 -6.54
CA VAL B 367 17.78 13.48 -6.85
C VAL B 367 17.46 14.12 -8.19
N THR B 368 16.93 13.30 -9.10
CA THR B 368 16.63 13.76 -10.45
C THR B 368 15.25 13.37 -10.94
N ILE B 369 14.49 14.36 -11.39
CA ILE B 369 13.16 14.11 -11.92
C ILE B 369 13.09 14.46 -13.40
N ILE B 370 12.86 13.46 -14.24
CA ILE B 370 12.77 13.67 -15.68
C ILE B 370 11.34 13.82 -16.13
N GLY B 371 11.01 15.01 -16.64
CA GLY B 371 9.65 15.28 -17.07
C GLY B 371 9.03 14.23 -17.96
N GLU B 385 13.81 2.86 -17.21
CA GLU B 385 13.65 2.21 -15.87
C GLU B 385 14.15 3.12 -14.76
N ASP B 386 14.90 2.56 -13.81
CA ASP B 386 15.41 3.34 -12.70
C ASP B 386 16.85 3.81 -12.82
N LYS B 387 17.07 4.70 -13.77
CA LYS B 387 18.37 5.30 -14.01
C LYS B 387 18.31 6.66 -13.35
N VAL B 388 17.09 7.08 -13.01
CA VAL B 388 16.84 8.36 -12.33
C VAL B 388 15.88 8.16 -11.18
N SER B 389 15.82 9.12 -10.29
CA SER B 389 14.92 9.01 -9.15
C SER B 389 13.49 8.81 -9.63
N HIS B 390 13.09 9.57 -10.64
CA HIS B 390 11.73 9.49 -11.11
C HIS B 390 11.48 10.03 -12.51
N VAL B 391 10.76 9.25 -13.30
CA VAL B 391 10.39 9.62 -14.66
C VAL B 391 8.88 9.90 -14.65
N SER B 392 8.50 11.17 -14.64
CA SER B 392 7.09 11.57 -14.62
C SER B 392 6.37 10.98 -15.81
N THR B 393 5.05 10.92 -15.73
CA THR B 393 4.26 10.33 -16.81
C THR B 393 3.16 11.22 -17.30
N GLY B 394 2.83 12.23 -16.51
CA GLY B 394 1.75 13.13 -16.91
C GLY B 394 2.22 14.45 -17.43
N GLY B 395 2.81 14.45 -18.63
CA GLY B 395 3.29 15.67 -19.25
C GLY B 395 2.62 16.94 -18.78
N GLY B 396 1.49 17.28 -19.39
CA GLY B 396 0.77 18.49 -19.01
C GLY B 396 0.56 18.66 -17.53
N ALA B 397 0.18 17.58 -16.85
CA ALA B 397 -0.06 17.63 -15.41
C ALA B 397 1.24 17.98 -14.68
N SER B 398 2.35 17.54 -15.22
CA SER B 398 3.64 17.81 -14.63
C SER B 398 3.95 19.28 -14.81
N LEU B 399 3.80 19.79 -16.03
CA LEU B 399 4.05 21.20 -16.26
C LEU B 399 3.14 21.99 -15.35
N GLU B 400 1.84 21.71 -15.45
CA GLU B 400 0.80 22.36 -14.66
C GLU B 400 1.31 22.52 -13.23
N LEU B 401 1.78 21.41 -12.68
CA LEU B 401 2.32 21.38 -11.32
C LEU B 401 3.53 22.30 -11.16
N LEU B 402 4.55 22.13 -11.98
CA LEU B 402 5.73 22.99 -11.89
C LEU B 402 5.39 24.44 -12.14
N GLU B 403 4.23 24.68 -12.74
CA GLU B 403 3.84 26.05 -13.02
C GLU B 403 3.21 26.63 -11.77
N GLY B 404 2.90 25.76 -10.83
CA GLY B 404 2.30 26.18 -9.57
C GLY B 404 0.81 26.00 -9.54
N LYS B 405 0.24 25.51 -10.63
CA LYS B 405 -1.20 25.31 -10.73
C LYS B 405 -1.71 24.23 -9.78
N ILE B 406 -3.01 24.30 -9.50
CA ILE B 406 -3.65 23.34 -8.62
C ILE B 406 -4.45 22.37 -9.47
N LEU B 407 -3.95 21.15 -9.56
CA LEU B 407 -4.57 20.12 -10.38
C LEU B 407 -5.92 19.72 -9.84
N PRO B 408 -6.94 19.76 -10.71
CA PRO B 408 -8.30 19.38 -10.29
C PRO B 408 -8.36 17.92 -9.84
N GLY B 409 -7.67 17.06 -10.58
CA GLY B 409 -7.65 15.64 -10.26
C GLY B 409 -7.21 15.34 -8.83
N VAL B 410 -6.20 16.05 -8.33
CA VAL B 410 -5.70 15.85 -6.96
C VAL B 410 -6.53 16.68 -5.98
N GLU B 411 -7.19 17.71 -6.48
CA GLU B 411 -8.02 18.53 -5.63
C GLU B 411 -9.16 17.66 -5.11
N ALA B 412 -9.74 16.89 -6.01
CA ALA B 412 -10.86 16.02 -5.70
C ALA B 412 -10.58 14.91 -4.69
N LEU B 413 -9.33 14.72 -4.34
CA LEU B 413 -8.98 13.68 -3.38
C LEU B 413 -9.36 14.09 -1.98
N SER B 414 -9.81 13.13 -1.19
CA SER B 414 -10.20 13.38 0.19
C SER B 414 -8.97 13.89 0.96
N ASN B 415 -9.21 14.66 2.02
CA ASN B 415 -8.10 15.15 2.84
C ASN B 415 -8.18 14.37 4.13
N MET B 416 -7.06 13.74 4.52
CA MET B 416 -7.05 12.95 5.75
C MET B 416 -6.93 13.85 6.98
#